data_4XR4
#
_entry.id   4XR4
#
_cell.length_a   54.857
_cell.length_b   108.555
_cell.length_c   161.323
_cell.angle_alpha   90.000
_cell.angle_beta   90.000
_cell.angle_gamma   90.000
#
_symmetry.space_group_name_H-M   'P 2 21 21'
#
loop_
_entity.id
_entity.type
_entity.pdbx_description
1 polymer 'Homospermidine synthase'
2 non-polymer NICOTINAMIDE-ADENINE-DINUCLEOTIDE
3 non-polymer 'ACETATE ION'
4 non-polymer 'SULFATE ION'
5 non-polymer 3-PYRIDINIUM-1-YLPROPANE-1-SULFONATE
6 non-polymer AGMATINE
7 water water
#
_entity_poly.entity_id   1
_entity_poly.type   'polypeptide(L)'
_entity_poly.pdbx_seq_one_letter_code
;DWPVYHRIDGPIVMIGFGSIGRGTLPLIERHFAFDRSKLVVIDPSDEARKLAEARGVRFIQQAVTRDNYRELLVPLLTAG
PGQGFCVNLSVDTSSLDIMELARENGALYIDTVVEPWLGFYFDPDLKPEARSNYALRETVLAARRNKPGGTTAVSCCGAN
PGMVSWFVKQALVNLAADLGVTGEEPTTREEWARLA(MHO)DLGVKGIHIAERDTQRASFPKPFDVFVNTWSVEGFVSEG
LQPAELGWGTFERWMPDNARGHDSGCGAGIYLLQPGANTRVRSWTPTAMAQYGFLVTHNESISIADFLTVRDAAGQAVYR
PTCHYAYHPCNDAVLSLHEMFGSGKRQSDWRILDETEIVDGIDELGVLLYGHGKNAYWYGSQLSIEETRRIAPDQNATGL
QVSSAVLAGMVWALENPNAGIVEADDLDFRRCLEVQTPYLGPVVGVYTDWTPLAGRPGLFPEDIDTSDPWQFRNVLVR
;
_entity_poly.pdbx_strand_id   A,B
#
loop_
_chem_comp.id
_chem_comp.type
_chem_comp.name
_chem_comp.formula
1PS non-polymer 3-PYRIDINIUM-1-YLPROPANE-1-SULFONATE 'C8 H11 N O3 S'
ACT non-polymer 'ACETATE ION' 'C2 H3 O2 -1'
AG2 non-polymer AGMATINE 'C5 H14 N4'
NAD non-polymer NICOTINAMIDE-ADENINE-DINUCLEOTIDE 'C21 H27 N7 O14 P2'
SO4 non-polymer 'SULFATE ION' 'O4 S -2'
#
# COMPACT_ATOMS: atom_id res chain seq x y z
N ASP A 1 20.74 39.33 2.75
CA ASP A 1 20.49 39.10 1.33
C ASP A 1 21.14 37.79 0.88
N TRP A 2 20.85 37.37 -0.35
CA TRP A 2 21.34 36.09 -0.88
C TRP A 2 22.65 36.25 -1.65
N PRO A 3 23.54 35.25 -1.58
CA PRO A 3 24.82 35.35 -2.27
C PRO A 3 24.67 35.18 -3.77
N VAL A 4 25.41 35.98 -4.52
CA VAL A 4 25.50 35.82 -5.96
C VAL A 4 26.85 35.19 -6.25
N TYR A 5 26.85 33.95 -6.73
CA TYR A 5 28.07 33.17 -6.84
C TYR A 5 28.90 33.56 -8.05
N HIS A 6 28.24 33.74 -9.18
CA HIS A 6 28.95 33.94 -10.44
C HIS A 6 28.11 34.70 -11.42
N ARG A 7 28.80 35.31 -12.39
CA ARG A 7 28.12 35.84 -13.56
C ARG A 7 28.02 34.73 -14.62
N ILE A 8 26.90 34.70 -15.36
CA ILE A 8 26.77 33.81 -16.52
C ILE A 8 26.68 34.73 -17.74
N ASP A 9 27.61 34.59 -18.67
CA ASP A 9 27.74 35.59 -19.72
C ASP A 9 27.08 35.13 -21.03
N GLY A 10 26.59 33.90 -21.04
CA GLY A 10 25.99 33.32 -22.22
C GLY A 10 24.55 32.93 -21.95
N PRO A 11 23.95 32.24 -22.92
CA PRO A 11 22.54 31.92 -22.77
C PRO A 11 22.32 30.86 -21.70
N ILE A 12 21.21 31.00 -20.98
CA ILE A 12 20.77 29.95 -20.06
C ILE A 12 19.54 29.37 -20.68
N VAL A 13 19.61 28.13 -21.15
CA VAL A 13 18.50 27.49 -21.81
C VAL A 13 17.96 26.39 -20.90
N MET A 14 16.80 26.64 -20.32
CA MET A 14 16.14 25.65 -19.47
CA MET A 14 16.13 25.67 -19.46
C MET A 14 15.15 24.82 -20.27
N ILE A 15 15.41 23.52 -20.34
CA ILE A 15 14.50 22.62 -21.03
C ILE A 15 13.61 21.99 -19.99
N GLY A 16 12.32 22.32 -20.05
CA GLY A 16 11.36 21.82 -19.07
C GLY A 16 11.02 22.86 -18.03
N PHE A 17 9.71 23.07 -17.83
CA PHE A 17 9.22 24.00 -16.82
C PHE A 17 8.07 23.35 -16.08
N GLY A 18 8.33 22.12 -15.62
CA GLY A 18 7.44 21.40 -14.73
C GLY A 18 7.81 21.73 -13.30
N SER A 19 7.56 20.81 -12.37
CA SER A 19 7.75 21.13 -10.96
C SER A 19 9.20 21.52 -10.67
N ILE A 20 10.16 20.86 -11.30
CA ILE A 20 11.56 21.19 -10.98
C ILE A 20 12.01 22.47 -11.67
N GLY A 21 11.67 22.64 -12.94
CA GLY A 21 12.02 23.86 -13.63
C GLY A 21 11.46 25.09 -12.94
N ARG A 22 10.21 25.00 -12.48
N ARG A 22 10.20 24.99 -12.51
CA ARG A 22 9.58 26.14 -11.79
CA ARG A 22 9.54 26.07 -11.78
C ARG A 22 10.28 26.49 -10.48
C ARG A 22 10.32 26.47 -10.54
N GLY A 23 10.82 25.47 -9.81
CA GLY A 23 11.54 25.69 -8.57
C GLY A 23 12.97 26.15 -8.80
N THR A 24 13.53 25.80 -9.95
CA THR A 24 14.94 26.08 -10.21
C THR A 24 15.13 27.49 -10.75
N LEU A 25 14.21 27.93 -11.59
CA LEU A 25 14.26 29.30 -12.14
C LEU A 25 14.54 30.38 -11.10
N PRO A 26 13.74 30.44 -10.00
CA PRO A 26 14.02 31.52 -9.05
C PRO A 26 15.40 31.41 -8.42
N LEU A 27 15.93 30.20 -8.28
CA LEU A 27 17.26 30.08 -7.68
C LEU A 27 18.33 30.53 -8.65
N ILE A 28 18.13 30.29 -9.94
CA ILE A 28 19.10 30.74 -10.93
C ILE A 28 19.10 32.28 -10.96
N GLU A 29 17.91 32.86 -10.94
CA GLU A 29 17.77 34.32 -10.91
C GLU A 29 18.37 34.93 -9.67
N ARG A 30 18.21 34.24 -8.55
CA ARG A 30 18.71 34.73 -7.28
C ARG A 30 20.23 34.74 -7.19
N HIS A 31 20.84 33.69 -7.70
CA HIS A 31 22.22 33.37 -7.34
C HIS A 31 23.24 33.60 -8.41
N PHE A 32 22.80 33.97 -9.62
CA PHE A 32 23.71 34.29 -10.71
C PHE A 32 23.43 35.67 -11.27
N ALA A 33 24.48 36.34 -11.74
CA ALA A 33 24.32 37.62 -12.38
C ALA A 33 24.27 37.42 -13.89
N PHE A 34 23.18 37.87 -14.49
CA PHE A 34 23.03 37.81 -15.93
C PHE A 34 21.91 38.72 -16.35
N ASP A 35 22.01 39.20 -17.58
CA ASP A 35 20.94 40.00 -18.15
C ASP A 35 19.74 39.10 -18.32
N ARG A 36 18.58 39.56 -17.91
CA ARG A 36 17.38 38.72 -17.90
C ARG A 36 17.09 38.15 -19.29
N SER A 37 17.49 38.88 -20.34
CA SER A 37 17.22 38.45 -21.69
C SER A 37 18.05 37.24 -22.12
N LYS A 38 18.96 36.80 -21.26
CA LYS A 38 19.80 35.64 -21.60
C LYS A 38 19.15 34.30 -21.29
N LEU A 39 18.15 34.30 -20.43
CA LEU A 39 17.51 33.05 -19.98
C LEU A 39 16.25 32.78 -20.78
N VAL A 40 16.13 31.56 -21.29
CA VAL A 40 14.93 31.15 -21.99
C VAL A 40 14.54 29.74 -21.57
N VAL A 41 13.24 29.55 -21.40
CA VAL A 41 12.65 28.26 -21.03
C VAL A 41 11.97 27.63 -22.24
N ILE A 42 12.14 26.32 -22.43
CA ILE A 42 11.50 25.57 -23.49
C ILE A 42 10.62 24.48 -22.90
N ASP A 43 9.32 24.53 -23.18
CA ASP A 43 8.41 23.51 -22.69
C ASP A 43 7.14 23.53 -23.55
N PRO A 44 6.61 22.37 -23.94
CA PRO A 44 5.40 22.39 -24.80
C PRO A 44 4.09 22.70 -24.10
N SER A 45 4.10 22.76 -22.76
CA SER A 45 2.85 22.88 -22.00
C SER A 45 2.26 24.29 -21.94
N ASP A 46 0.95 24.40 -22.15
CA ASP A 46 0.25 25.68 -21.98
C ASP A 46 0.29 26.19 -20.55
N GLU A 47 0.09 25.27 -19.61
CA GLU A 47 0.15 25.62 -18.19
C GLU A 47 1.53 26.19 -17.87
N ALA A 48 2.58 25.57 -18.41
CA ALA A 48 3.94 26.05 -18.17
C ALA A 48 4.14 27.45 -18.77
N ARG A 49 3.64 27.64 -19.98
CA ARG A 49 3.73 28.94 -20.65
C ARG A 49 3.09 30.04 -19.80
N LYS A 50 1.87 29.80 -19.31
CA LYS A 50 1.19 30.83 -18.54
C LYS A 50 1.98 31.20 -17.29
N LEU A 51 2.55 30.19 -16.61
CA LEU A 51 3.37 30.49 -15.45
C LEU A 51 4.64 31.27 -15.82
N ALA A 52 5.30 30.87 -16.90
CA ALA A 52 6.50 31.55 -17.32
C ALA A 52 6.20 33.02 -17.65
N GLU A 53 5.06 33.25 -18.31
CA GLU A 53 4.67 34.61 -18.64
C GLU A 53 4.45 35.44 -17.39
N ALA A 54 3.82 34.84 -16.39
CA ALA A 54 3.60 35.54 -15.13
C ALA A 54 4.91 35.87 -14.42
N ARG A 55 5.97 35.11 -14.70
CA ARG A 55 7.25 35.30 -14.06
C ARG A 55 8.21 36.13 -14.90
N GLY A 56 7.73 36.59 -16.05
CA GLY A 56 8.52 37.50 -16.88
C GLY A 56 9.71 36.87 -17.58
N VAL A 57 9.61 35.59 -17.90
CA VAL A 57 10.75 34.92 -18.53
C VAL A 57 10.43 34.49 -19.96
N ARG A 58 11.47 34.56 -20.79
CA ARG A 58 11.36 34.10 -22.15
C ARG A 58 10.92 32.65 -22.15
N PHE A 59 10.01 32.34 -23.06
CA PHE A 59 9.42 31.00 -23.15
C PHE A 59 9.19 30.59 -24.59
N ILE A 60 9.73 29.45 -24.95
CA ILE A 60 9.51 28.86 -26.25
C ILE A 60 8.65 27.62 -26.05
N GLN A 61 7.45 27.66 -26.62
CA GLN A 61 6.50 26.56 -26.40
C GLN A 61 6.68 25.49 -27.45
N GLN A 62 7.59 24.56 -27.17
CA GLN A 62 7.93 23.54 -28.14
C GLN A 62 8.43 22.30 -27.42
N ALA A 63 7.98 21.15 -27.89
CA ALA A 63 8.58 19.88 -27.47
C ALA A 63 9.92 19.68 -28.18
N VAL A 64 10.96 19.38 -27.40
CA VAL A 64 12.25 18.99 -27.98
C VAL A 64 12.18 17.53 -28.39
N THR A 65 12.52 17.26 -29.64
CA THR A 65 12.39 15.91 -30.18
C THR A 65 13.68 15.51 -30.88
N ARG A 66 13.79 14.23 -31.20
CA ARG A 66 14.96 13.75 -31.92
C ARG A 66 15.03 14.47 -33.27
N ASP A 67 13.86 14.79 -33.82
CA ASP A 67 13.82 15.41 -35.14
C ASP A 67 14.26 16.86 -35.15
N ASN A 68 13.99 17.59 -34.06
CA ASN A 68 14.22 19.01 -34.04
C ASN A 68 15.31 19.51 -33.10
N TYR A 69 15.93 18.64 -32.29
CA TYR A 69 16.70 19.19 -31.18
C TYR A 69 17.95 19.93 -31.62
N ARG A 70 18.54 19.53 -32.75
CA ARG A 70 19.74 20.22 -33.21
C ARG A 70 19.40 21.61 -33.73
N GLU A 71 18.34 21.67 -34.52
CA GLU A 71 17.90 22.89 -35.19
C GLU A 71 17.45 23.92 -34.14
N LEU A 72 16.90 23.42 -33.05
CA LEU A 72 16.41 24.27 -31.98
C LEU A 72 17.52 24.67 -30.98
N LEU A 73 18.27 23.70 -30.48
CA LEU A 73 19.16 24.00 -29.36
C LEU A 73 20.53 24.56 -29.74
N VAL A 74 21.04 24.25 -30.92
CA VAL A 74 22.37 24.75 -31.27
C VAL A 74 22.38 26.29 -31.32
N PRO A 75 21.39 26.89 -32.00
CA PRO A 75 21.41 28.34 -31.98
C PRO A 75 21.22 28.92 -30.58
N LEU A 76 20.28 28.39 -29.81
CA LEU A 76 20.01 28.95 -28.50
C LEU A 76 21.23 28.82 -27.60
N LEU A 77 21.92 27.69 -27.66
CA LEU A 77 23.05 27.46 -26.76
C LEU A 77 24.32 28.16 -27.19
N THR A 78 24.36 28.61 -28.45
CA THR A 78 25.54 29.31 -28.94
C THR A 78 25.28 30.78 -29.20
N ALA A 79 24.17 31.30 -28.68
CA ALA A 79 23.80 32.72 -28.89
C ALA A 79 24.88 33.69 -28.37
N GLY A 80 25.53 33.36 -27.26
CA GLY A 80 26.78 34.00 -26.90
C GLY A 80 26.66 35.19 -25.95
N PRO A 81 27.71 36.03 -25.88
CA PRO A 81 28.99 35.84 -26.58
C PRO A 81 29.86 34.91 -25.78
N GLY A 82 29.40 34.61 -24.57
CA GLY A 82 30.10 33.73 -23.70
C GLY A 82 29.46 32.37 -23.72
N GLN A 83 29.98 31.53 -22.85
CA GLN A 83 29.54 30.17 -22.69
C GLN A 83 28.11 30.11 -22.14
N GLY A 84 27.28 29.31 -22.80
CA GLY A 84 25.92 29.10 -22.38
C GLY A 84 25.83 27.95 -21.39
N PHE A 85 24.63 27.76 -20.87
CA PHE A 85 24.35 26.71 -19.89
C PHE A 85 23.00 26.11 -20.23
N CYS A 86 23.02 24.81 -20.56
CA CYS A 86 21.80 24.05 -20.79
C CYS A 86 21.38 23.44 -19.47
N VAL A 87 20.20 23.82 -18.98
CA VAL A 87 19.68 23.32 -17.72
C VAL A 87 18.49 22.45 -18.07
N ASN A 88 18.74 21.15 -18.16
CA ASN A 88 17.76 20.21 -18.68
C ASN A 88 16.97 19.56 -17.56
N LEU A 89 15.70 19.92 -17.49
CA LEU A 89 14.81 19.47 -16.42
C LEU A 89 13.50 18.94 -17.04
N SER A 90 13.63 18.10 -18.05
CA SER A 90 12.49 17.67 -18.86
C SER A 90 12.21 16.18 -18.71
N VAL A 91 11.09 15.75 -19.30
CA VAL A 91 10.84 14.36 -19.60
C VAL A 91 10.81 14.19 -21.12
N ASP A 92 10.98 12.95 -21.56
CA ASP A 92 10.76 12.52 -22.94
C ASP A 92 11.84 12.99 -23.90
N THR A 93 12.96 13.45 -23.34
CA THR A 93 14.08 13.94 -24.13
C THR A 93 15.31 13.12 -23.82
N SER A 94 16.20 12.98 -24.79
CA SER A 94 17.44 12.24 -24.56
C SER A 94 18.49 13.07 -23.86
N SER A 95 18.78 12.72 -22.61
CA SER A 95 19.85 13.35 -21.88
C SER A 95 21.17 13.24 -22.61
N LEU A 96 21.46 12.05 -23.12
CA LEU A 96 22.74 11.81 -23.75
C LEU A 96 22.87 12.64 -25.02
N ASP A 97 21.84 12.64 -25.86
CA ASP A 97 21.95 13.38 -27.12
C ASP A 97 22.07 14.87 -26.86
N ILE A 98 21.30 15.39 -25.92
CA ILE A 98 21.38 16.81 -25.63
C ILE A 98 22.71 17.17 -24.96
N MET A 99 23.20 16.34 -24.03
CA MET A 99 24.45 16.68 -23.37
C MET A 99 25.61 16.65 -24.39
N GLU A 100 25.57 15.71 -25.33
CA GLU A 100 26.63 15.64 -26.36
C GLU A 100 26.54 16.84 -27.27
N LEU A 101 25.33 17.30 -27.59
CA LEU A 101 25.16 18.49 -28.40
CA LEU A 101 25.15 18.51 -28.39
C LEU A 101 25.72 19.73 -27.69
N ALA A 102 25.40 19.87 -26.39
CA ALA A 102 25.86 21.01 -25.62
C ALA A 102 27.40 20.99 -25.58
N ARG A 103 27.96 19.83 -25.29
CA ARG A 103 29.41 19.70 -25.26
C ARG A 103 30.08 20.08 -26.57
N GLU A 104 29.54 19.58 -27.68
CA GLU A 104 30.07 19.84 -29.02
C GLU A 104 30.13 21.33 -29.28
N ASN A 105 29.20 22.05 -28.67
CA ASN A 105 29.06 23.48 -28.95
C ASN A 105 29.55 24.36 -27.83
N GLY A 106 30.24 23.75 -26.87
CA GLY A 106 30.89 24.48 -25.81
C GLY A 106 29.99 25.03 -24.72
N ALA A 107 28.76 24.52 -24.65
CA ALA A 107 27.82 24.90 -23.60
C ALA A 107 27.87 23.94 -22.43
N LEU A 108 27.85 24.50 -21.23
CA LEU A 108 27.71 23.70 -20.01
C LEU A 108 26.35 23.03 -20.02
N TYR A 109 26.26 21.91 -19.31
CA TYR A 109 25.05 21.11 -19.29
C TYR A 109 24.87 20.52 -17.90
N ILE A 110 23.62 20.47 -17.44
CA ILE A 110 23.27 19.73 -16.25
C ILE A 110 21.88 19.10 -16.43
N ASP A 111 21.66 17.93 -15.86
CA ASP A 111 20.34 17.34 -15.82
C ASP A 111 20.19 16.56 -14.51
N THR A 112 19.06 15.88 -14.34
CA THR A 112 18.74 15.20 -13.07
C THR A 112 18.36 13.74 -13.29
N VAL A 113 18.53 13.24 -14.50
CA VAL A 113 18.10 11.90 -14.87
C VAL A 113 18.71 11.57 -16.22
N VAL A 114 18.96 10.28 -16.48
CA VAL A 114 19.34 9.85 -17.82
C VAL A 114 18.05 9.45 -18.52
N GLU A 115 17.47 10.42 -19.19
CA GLU A 115 16.16 10.26 -19.82
C GLU A 115 16.39 9.89 -21.29
N PRO A 116 15.55 9.01 -21.84
CA PRO A 116 15.61 8.69 -23.26
C PRO A 116 14.58 9.47 -24.08
N TRP A 117 14.75 9.53 -25.39
CA TRP A 117 13.68 10.02 -26.25
C TRP A 117 12.39 9.22 -26.04
N LEU A 118 11.30 9.92 -26.19
CA LEU A 118 9.97 9.34 -26.15
C LEU A 118 9.91 8.04 -26.95
N GLY A 119 9.30 7.02 -26.34
CA GLY A 119 9.11 5.73 -27.00
C GLY A 119 9.91 4.58 -26.44
N PHE A 120 10.74 4.87 -25.44
CA PHE A 120 11.70 3.93 -24.86
C PHE A 120 11.16 3.16 -23.64
N TYR A 121 10.59 3.89 -22.68
CA TYR A 121 10.31 3.34 -21.34
C TYR A 121 9.23 2.25 -21.26
N PHE A 122 8.23 2.34 -22.11
CA PHE A 122 7.10 1.41 -22.06
C PHE A 122 7.14 0.47 -23.27
N ASP A 123 8.28 0.43 -23.95
CA ASP A 123 8.48 -0.47 -25.10
C ASP A 123 8.56 -1.94 -24.62
N PRO A 124 7.55 -2.77 -24.95
CA PRO A 124 7.63 -4.16 -24.48
C PRO A 124 8.58 -5.02 -25.33
N ASP A 125 8.99 -4.50 -26.49
CA ASP A 125 9.92 -5.22 -27.35
C ASP A 125 11.33 -5.24 -26.75
N LEU A 126 11.77 -4.11 -26.21
CA LEU A 126 13.04 -4.04 -25.48
C LEU A 126 13.05 -5.02 -24.32
N LYS A 127 14.18 -5.67 -24.11
CA LYS A 127 14.31 -6.60 -22.98
C LYS A 127 14.47 -5.79 -21.70
N PRO A 128 13.98 -6.33 -20.57
CA PRO A 128 14.03 -5.56 -19.33
C PRO A 128 15.42 -5.00 -19.03
N GLU A 129 16.47 -5.72 -19.39
CA GLU A 129 17.83 -5.27 -19.10
C GLU A 129 18.14 -3.96 -19.82
N ALA A 130 17.64 -3.83 -21.04
CA ALA A 130 17.91 -2.67 -21.84
C ALA A 130 17.10 -1.46 -21.37
N ARG A 131 16.01 -1.71 -20.65
CA ARG A 131 15.16 -0.63 -20.12
C ARG A 131 15.69 -0.15 -18.78
N SER A 132 16.83 -0.68 -18.36
CA SER A 132 17.32 -0.42 -17.02
C SER A 132 18.10 0.89 -16.93
N ASN A 133 18.17 1.45 -15.73
CA ASN A 133 18.98 2.64 -15.52
C ASN A 133 20.46 2.32 -15.57
N TYR A 134 20.83 1.08 -15.24
CA TYR A 134 22.18 0.61 -15.44
C TYR A 134 22.56 0.81 -16.91
N ALA A 135 21.72 0.33 -17.82
CA ALA A 135 22.04 0.41 -19.23
C ALA A 135 22.10 1.86 -19.73
N LEU A 136 21.15 2.68 -19.32
CA LEU A 136 21.15 4.10 -19.67
C LEU A 136 22.41 4.79 -19.18
N ARG A 137 22.81 4.49 -17.94
CA ARG A 137 24.04 5.06 -17.39
C ARG A 137 25.26 4.64 -18.19
N GLU A 138 25.30 3.37 -18.59
CA GLU A 138 26.46 2.85 -19.36
C GLU A 138 26.64 3.67 -20.64
N THR A 139 25.55 4.16 -21.23
CA THR A 139 25.67 4.96 -22.46
C THR A 139 26.39 6.26 -22.17
N VAL A 140 26.10 6.85 -21.02
CA VAL A 140 26.78 8.07 -20.57
C VAL A 140 28.27 7.79 -20.27
N LEU A 141 28.57 6.68 -19.58
CA LEU A 141 29.96 6.35 -19.28
C LEU A 141 30.72 6.10 -20.56
N ALA A 142 30.07 5.45 -21.52
CA ALA A 142 30.71 5.18 -22.81
C ALA A 142 31.01 6.47 -23.54
N ALA A 143 30.06 7.41 -23.51
CA ALA A 143 30.27 8.69 -24.18
C ALA A 143 31.49 9.41 -23.58
N ARG A 144 31.64 9.30 -22.28
CA ARG A 144 32.76 9.91 -21.58
C ARG A 144 34.08 9.28 -21.98
N ARG A 145 34.11 7.95 -22.08
CA ARG A 145 35.34 7.29 -22.53
C ARG A 145 35.70 7.60 -23.96
N ASN A 146 34.68 7.78 -24.81
CA ASN A 146 34.91 8.00 -26.24
C ASN A 146 35.36 9.44 -26.53
N LYS A 147 34.92 10.38 -25.70
CA LYS A 147 35.31 11.78 -25.84
C LYS A 147 35.64 12.36 -24.47
N PRO A 148 36.82 12.01 -23.95
CA PRO A 148 37.17 12.40 -22.58
C PRO A 148 37.42 13.88 -22.49
N GLY A 149 37.20 14.45 -21.31
CA GLY A 149 37.44 15.86 -21.11
C GLY A 149 36.47 16.69 -21.92
N GLY A 150 36.85 17.92 -22.20
CA GLY A 150 35.99 18.83 -22.92
C GLY A 150 35.03 19.54 -21.98
N THR A 151 34.03 20.18 -22.57
CA THR A 151 33.08 20.99 -21.83
C THR A 151 32.41 20.18 -20.72
N THR A 152 32.30 20.80 -19.54
CA THR A 152 31.67 20.16 -18.40
C THR A 152 30.19 19.89 -18.64
N ALA A 153 29.80 18.65 -18.37
CA ALA A 153 28.42 18.21 -18.48
C ALA A 153 28.12 17.36 -17.25
N VAL A 154 27.17 17.79 -16.43
CA VAL A 154 26.85 17.09 -15.18
C VAL A 154 25.61 16.23 -15.32
N SER A 155 25.77 14.93 -15.16
CA SER A 155 24.68 13.96 -15.30
C SER A 155 24.09 13.62 -13.94
N CYS A 156 22.76 13.67 -13.87
CA CYS A 156 22.01 13.21 -12.72
C CYS A 156 22.39 13.95 -11.44
N CYS A 157 22.18 15.27 -11.46
CA CYS A 157 22.48 16.14 -10.33
C CYS A 157 21.21 16.82 -9.83
N GLY A 158 20.27 16.01 -9.37
CA GLY A 158 19.11 16.49 -8.63
C GLY A 158 19.30 16.17 -7.16
N ALA A 159 18.20 15.90 -6.46
CA ALA A 159 18.26 15.48 -5.04
C ALA A 159 18.74 14.03 -4.93
N ASN A 160 18.17 13.17 -5.75
CA ASN A 160 18.47 11.76 -5.76
C ASN A 160 17.98 11.16 -7.07
N PRO A 161 18.89 10.92 -8.02
CA PRO A 161 20.34 11.07 -7.96
C PRO A 161 20.77 12.52 -7.82
N GLY A 162 21.92 12.71 -7.20
CA GLY A 162 22.56 14.00 -7.11
C GLY A 162 23.14 14.22 -5.72
N MET A 163 22.45 15.09 -4.99
CA MET A 163 22.76 15.43 -3.62
C MET A 163 23.11 14.21 -2.76
N VAL A 164 22.38 13.10 -2.93
CA VAL A 164 22.66 11.97 -2.03
C VAL A 164 24.07 11.40 -2.20
N SER A 165 24.68 11.56 -3.37
CA SER A 165 26.10 11.18 -3.48
C SER A 165 26.98 12.02 -2.56
N TRP A 166 26.67 13.31 -2.43
CA TRP A 166 27.41 14.19 -1.52
C TRP A 166 27.16 13.77 -0.09
N PHE A 167 25.92 13.40 0.23
CA PHE A 167 25.58 12.90 1.54
C PHE A 167 26.38 11.63 1.88
N VAL A 168 26.59 10.74 0.92
CA VAL A 168 27.35 9.51 1.21
C VAL A 168 28.77 9.90 1.60
N LYS A 169 29.37 10.86 0.90
CA LYS A 169 30.73 11.24 1.24
C LYS A 169 30.79 11.85 2.62
N GLN A 170 29.85 12.74 2.93
CA GLN A 170 29.87 13.39 4.22
C GLN A 170 29.59 12.36 5.32
N ALA A 171 28.73 11.40 5.03
CA ALA A 171 28.39 10.39 6.02
C ALA A 171 29.58 9.50 6.31
N LEU A 172 30.36 9.17 5.27
CA LEU A 172 31.56 8.35 5.47
C LEU A 172 32.55 9.10 6.34
N VAL A 173 32.76 10.38 6.05
CA VAL A 173 33.67 11.17 6.85
C VAL A 173 33.18 11.25 8.28
N ASN A 174 31.86 11.39 8.46
CA ASN A 174 31.31 11.50 9.80
C ASN A 174 31.47 10.20 10.59
N LEU A 175 31.23 9.07 9.92
CA LEU A 175 31.37 7.77 10.58
C LEU A 175 32.79 7.60 11.10
N ALA A 176 33.76 7.94 10.27
CA ALA A 176 35.15 7.85 10.66
C ALA A 176 35.42 8.76 11.86
N ALA A 177 34.94 9.99 11.77
CA ALA A 177 35.16 10.96 12.84
C ALA A 177 34.56 10.48 14.14
N ASP A 178 33.36 9.90 14.06
CA ASP A 178 32.64 9.45 15.26
C ASP A 178 33.34 8.26 15.93
N LEU A 179 34.17 7.56 15.16
CA LEU A 179 35.02 6.48 15.71
C LEU A 179 36.34 7.00 16.29
N GLY A 180 36.58 8.29 16.20
CA GLY A 180 37.86 8.86 16.59
C GLY A 180 38.95 8.73 15.53
N VAL A 181 38.58 8.48 14.28
CA VAL A 181 39.55 8.42 13.20
C VAL A 181 39.79 9.82 12.67
N THR A 182 41.04 10.25 12.76
CA THR A 182 41.49 11.57 12.35
C THR A 182 42.32 11.44 11.08
N GLY A 183 42.60 12.56 10.43
CA GLY A 183 43.49 12.56 9.28
C GLY A 183 42.80 13.00 8.01
N GLU A 184 43.49 12.86 6.88
CA GLU A 184 43.03 13.41 5.61
C GLU A 184 41.80 12.69 5.08
N GLU A 185 40.85 13.45 4.56
CA GLU A 185 39.72 12.87 3.86
C GLU A 185 40.19 12.31 2.53
N PRO A 186 39.45 11.35 1.97
CA PRO A 186 39.81 10.82 0.66
C PRO A 186 39.82 11.90 -0.40
N THR A 187 40.69 11.73 -1.39
CA THR A 187 40.81 12.70 -2.48
C THR A 187 40.64 12.07 -3.86
N THR A 188 40.71 10.75 -3.93
CA THR A 188 40.45 10.01 -5.16
C THR A 188 39.27 9.07 -5.02
N ARG A 189 38.71 8.64 -6.15
CA ARG A 189 37.65 7.65 -6.15
C ARG A 189 38.11 6.42 -5.35
N GLU A 190 39.31 5.95 -5.66
CA GLU A 190 39.82 4.75 -5.02
C GLU A 190 39.87 4.92 -3.51
N GLU A 191 40.28 6.09 -3.03
CA GLU A 191 40.33 6.35 -1.59
C GLU A 191 38.94 6.42 -0.95
N TRP A 192 37.94 6.95 -1.67
CA TRP A 192 36.58 6.94 -1.15
C TRP A 192 36.06 5.50 -1.03
N ALA A 193 36.30 4.71 -2.06
CA ALA A 193 35.90 3.33 -2.07
C ALA A 193 36.56 2.60 -0.89
N ARG A 194 37.85 2.85 -0.68
CA ARG A 194 38.54 2.22 0.43
C ARG A 194 37.99 2.65 1.78
N LEU A 195 37.58 3.92 1.90
CA LEU A 195 37.03 4.36 3.16
C LEU A 195 35.75 3.61 3.48
N ALA A 196 34.88 3.42 2.49
CA ALA A 196 33.65 2.67 2.71
C ALA A 196 34.00 1.24 3.11
N MHO A 197 34.99 0.66 2.44
CA MHO A 197 35.44 -0.70 2.74
CB MHO A 197 36.51 -1.13 1.73
CG MHO A 197 37.16 -2.48 2.03
SD MHO A 197 38.29 -2.87 0.80
CE MHO A 197 39.61 -1.92 1.29
C MHO A 197 35.98 -0.75 4.13
O MHO A 197 35.61 -1.62 4.94
OD1 MHO A 197 38.62 -4.30 0.94
HA MHO A 197 34.60 -1.40 2.65
HB2 MHO A 197 37.29 -0.36 1.70
HB3 MHO A 197 36.06 -1.16 0.73
HG2 MHO A 197 36.39 -3.26 2.08
HG3 MHO A 197 37.66 -2.44 3.00
HE1 MHO A 197 40.41 -2.06 0.60
HE2 MHO A 197 39.92 -2.22 2.26
HE3 MHO A 197 39.33 -0.91 1.30
N ASP A 198 36.86 0.18 4.45
CA ASP A 198 37.54 0.18 5.74
C ASP A 198 36.58 0.33 6.93
N LEU A 199 35.57 1.18 6.78
CA LEU A 199 34.57 1.38 7.83
C LEU A 199 33.56 0.22 7.93
N GLY A 200 33.64 -0.71 6.99
CA GLY A 200 32.72 -1.84 6.99
C GLY A 200 31.29 -1.52 6.62
N VAL A 201 31.12 -0.58 5.69
CA VAL A 201 29.79 -0.27 5.18
C VAL A 201 29.36 -1.37 4.24
N LYS A 202 28.36 -2.15 4.63
CA LYS A 202 27.92 -3.24 3.81
C LYS A 202 27.01 -2.75 2.69
N GLY A 203 26.21 -1.73 2.98
CA GLY A 203 25.31 -1.22 1.97
C GLY A 203 24.72 0.11 2.39
N ILE A 204 23.93 0.67 1.47
CA ILE A 204 23.41 2.02 1.58
C ILE A 204 22.00 2.04 1.04
N HIS A 205 21.02 2.48 1.83
CA HIS A 205 19.73 2.84 1.25
C HIS A 205 19.68 4.32 1.00
N ILE A 206 19.08 4.68 -0.13
CA ILE A 206 18.61 6.04 -0.31
C ILE A 206 17.26 6.04 0.38
N ALA A 207 17.24 6.55 1.61
CA ALA A 207 16.15 6.30 2.51
C ALA A 207 15.34 7.56 2.66
N GLU A 208 14.16 7.55 2.06
CA GLU A 208 13.36 8.76 1.91
C GLU A 208 11.96 8.54 2.45
N ARG A 209 11.46 9.54 3.17
CA ARG A 209 10.06 9.58 3.57
C ARG A 209 9.49 10.97 3.35
N ASP A 210 8.47 11.01 2.51
CA ASP A 210 7.77 12.25 2.18
C ASP A 210 6.47 12.25 2.96
N THR A 211 6.34 13.16 3.91
CA THR A 211 5.11 13.24 4.71
C THR A 211 4.22 14.41 4.30
N GLN A 212 4.49 15.02 3.16
CA GLN A 212 3.62 16.10 2.70
C GLN A 212 2.20 15.57 2.49
N ARG A 213 1.25 16.23 3.17
CA ARG A 213 -0.17 15.87 3.14
C ARG A 213 -0.93 16.97 2.42
N ALA A 214 -1.91 16.53 1.63
CA ALA A 214 -2.70 17.40 0.80
C ALA A 214 -3.89 18.02 1.57
N SER A 215 -4.40 19.14 1.07
CA SER A 215 -5.56 19.82 1.66
C SER A 215 -6.89 19.22 1.18
N PHE A 216 -6.81 18.35 0.19
CA PHE A 216 -7.97 17.63 -0.34
C PHE A 216 -7.65 16.14 -0.30
N PRO A 217 -8.69 15.29 -0.16
CA PRO A 217 -8.48 13.83 -0.14
C PRO A 217 -8.13 13.32 -1.51
N LYS A 218 -7.44 12.19 -1.59
CA LYS A 218 -7.02 11.69 -2.88
C LYS A 218 -8.22 11.39 -3.77
N PRO A 219 -8.26 12.01 -4.96
CA PRO A 219 -9.37 11.67 -5.85
C PRO A 219 -9.24 10.31 -6.51
N PHE A 220 -10.35 9.61 -6.66
CA PHE A 220 -10.39 8.39 -7.43
C PHE A 220 -9.88 8.58 -8.85
N ASP A 221 -9.08 7.63 -9.31
CA ASP A 221 -8.59 7.60 -10.69
C ASP A 221 -7.80 8.87 -11.00
N VAL A 222 -7.13 9.38 -9.98
CA VAL A 222 -6.16 10.45 -10.17
C VAL A 222 -4.86 10.06 -9.46
N PHE A 223 -3.76 10.07 -10.20
CA PHE A 223 -2.43 9.83 -9.60
C PHE A 223 -1.92 11.13 -9.02
N VAL A 224 -1.55 11.13 -7.74
CA VAL A 224 -1.11 12.33 -7.06
C VAL A 224 0.34 12.13 -6.60
N ASN A 225 1.19 13.12 -6.82
CA ASN A 225 2.57 13.05 -6.37
C ASN A 225 3.07 14.45 -6.03
N THR A 226 4.25 14.55 -5.43
CA THR A 226 4.84 15.83 -5.08
C THR A 226 5.88 16.31 -6.10
N TRP A 227 6.10 15.53 -7.14
CA TRP A 227 6.99 15.81 -8.26
C TRP A 227 6.43 15.02 -9.44
N SER A 228 7.07 15.09 -10.60
CA SER A 228 6.60 14.44 -11.83
C SER A 228 5.82 13.16 -11.59
N VAL A 229 4.58 13.13 -12.06
CA VAL A 229 3.84 11.90 -12.08
C VAL A 229 4.34 11.07 -13.24
N GLU A 230 4.55 11.70 -14.39
CA GLU A 230 5.01 10.98 -15.57
C GLU A 230 6.36 10.32 -15.28
N GLY A 231 7.25 11.07 -14.63
CA GLY A 231 8.59 10.59 -14.38
C GLY A 231 8.59 9.50 -13.32
N PHE A 232 7.75 9.66 -12.30
CA PHE A 232 7.72 8.68 -11.23
C PHE A 232 7.15 7.37 -11.73
N VAL A 233 6.09 7.46 -12.51
CA VAL A 233 5.48 6.25 -13.07
C VAL A 233 6.45 5.56 -14.03
N SER A 234 7.17 6.33 -14.85
CA SER A 234 8.13 5.74 -15.77
C SER A 234 9.21 4.96 -15.02
N GLU A 235 9.81 5.58 -14.01
CA GLU A 235 10.86 4.88 -13.27
C GLU A 235 10.25 3.72 -12.47
N GLY A 236 9.03 3.90 -12.00
CA GLY A 236 8.38 2.89 -11.19
C GLY A 236 8.02 1.64 -11.95
N LEU A 237 7.85 1.76 -13.27
CA LEU A 237 7.56 0.60 -14.14
C LEU A 237 8.83 -0.01 -14.75
N GLN A 238 9.96 0.65 -14.57
CA GLN A 238 11.24 0.04 -14.90
C GLN A 238 11.51 -1.10 -13.91
N PRO A 239 12.41 -2.00 -14.27
CA PRO A 239 12.75 -3.04 -13.29
C PRO A 239 13.29 -2.46 -12.00
N ALA A 240 12.99 -3.14 -10.89
CA ALA A 240 13.67 -2.83 -9.64
C ALA A 240 15.16 -3.01 -9.88
N GLU A 241 15.98 -2.08 -9.41
CA GLU A 241 17.43 -2.16 -9.61
C GLU A 241 18.16 -1.77 -8.37
N LEU A 242 19.32 -2.37 -8.19
CA LEU A 242 20.14 -2.06 -7.05
C LEU A 242 21.60 -2.30 -7.34
N GLY A 243 22.44 -1.43 -6.78
CA GLY A 243 23.86 -1.72 -6.70
C GLY A 243 23.98 -2.92 -5.77
N TRP A 244 24.86 -3.85 -6.10
CA TRP A 244 24.88 -5.16 -5.48
C TRP A 244 26.17 -5.39 -4.71
N GLY A 245 26.03 -5.51 -3.40
CA GLY A 245 27.18 -5.56 -2.54
C GLY A 245 27.87 -6.91 -2.54
N THR A 246 29.17 -6.86 -2.32
CA THR A 246 29.96 -8.07 -2.23
C THR A 246 29.60 -8.90 -1.01
N PHE A 247 28.99 -8.29 0.01
CA PHE A 247 28.60 -9.05 1.20
C PHE A 247 27.33 -9.89 1.00
N GLU A 248 26.54 -9.61 -0.04
CA GLU A 248 25.28 -10.31 -0.24
C GLU A 248 25.48 -11.78 -0.53
N ARG A 249 24.67 -12.63 0.10
CA ARG A 249 24.79 -14.07 -0.05
C ARG A 249 23.55 -14.69 -0.70
N TRP A 250 22.58 -13.85 -1.04
CA TRP A 250 21.33 -14.32 -1.63
C TRP A 250 20.73 -13.29 -2.57
N MET A 251 20.17 -13.76 -3.69
CA MET A 251 19.36 -12.93 -4.57
CA MET A 251 19.32 -12.90 -4.50
C MET A 251 18.07 -13.67 -4.94
N PRO A 252 16.99 -12.94 -5.27
CA PRO A 252 15.76 -13.66 -5.62
C PRO A 252 15.89 -14.40 -6.92
N ASP A 253 14.98 -15.33 -7.16
CA ASP A 253 15.04 -16.15 -8.36
C ASP A 253 14.94 -15.31 -9.61
N ASN A 254 14.22 -14.20 -9.54
CA ASN A 254 14.01 -13.37 -10.72
C ASN A 254 14.96 -12.18 -10.77
N ALA A 255 16.06 -12.25 -10.03
CA ALA A 255 17.17 -11.29 -10.16
C ALA A 255 18.04 -11.67 -11.33
N ARG A 256 18.58 -10.66 -12.00
CA ARG A 256 19.47 -10.86 -13.13
C ARG A 256 20.63 -9.90 -13.02
N GLY A 257 21.77 -10.30 -13.55
CA GLY A 257 22.94 -9.45 -13.62
C GLY A 257 23.08 -8.85 -15.00
N HIS A 258 24.20 -8.16 -15.20
CA HIS A 258 24.52 -7.55 -16.48
C HIS A 258 25.77 -8.21 -17.03
N ASP A 259 25.77 -8.52 -18.31
CA ASP A 259 26.91 -9.21 -18.89
C ASP A 259 28.05 -8.25 -19.14
N SER A 260 27.75 -6.95 -19.29
CA SER A 260 28.80 -5.95 -19.49
C SER A 260 28.57 -4.76 -18.58
N GLY A 261 29.36 -3.71 -18.78
CA GLY A 261 29.24 -2.49 -18.01
C GLY A 261 30.11 -2.52 -16.78
N CYS A 262 29.86 -1.60 -15.85
CA CYS A 262 30.70 -1.43 -14.66
C CYS A 262 30.62 -2.61 -13.69
N GLY A 263 29.60 -3.46 -13.81
CA GLY A 263 29.49 -4.64 -12.99
C GLY A 263 28.83 -4.45 -11.62
N ALA A 264 28.32 -3.25 -11.36
CA ALA A 264 27.98 -2.90 -10.00
C ALA A 264 26.54 -3.20 -9.61
N GLY A 265 25.72 -3.66 -10.53
CA GLY A 265 24.29 -3.76 -10.27
C GLY A 265 23.61 -5.04 -10.70
N ILE A 266 22.44 -5.26 -10.13
CA ILE A 266 21.52 -6.30 -10.59
C ILE A 266 20.15 -5.65 -10.80
N TYR A 267 19.23 -6.37 -11.44
CA TYR A 267 17.87 -5.90 -11.55
C TYR A 267 16.94 -7.07 -11.31
N LEU A 268 15.70 -6.76 -10.96
CA LEU A 268 14.68 -7.76 -10.74
C LEU A 268 13.67 -7.67 -11.86
N LEU A 269 13.15 -8.82 -12.28
CA LEU A 269 12.17 -8.86 -13.35
C LEU A 269 10.78 -8.57 -12.77
N GLN A 270 10.63 -7.35 -12.25
CA GLN A 270 9.37 -6.91 -11.69
C GLN A 270 9.48 -5.40 -11.53
N PRO A 271 8.35 -4.67 -11.59
CA PRO A 271 8.41 -3.21 -11.48
C PRO A 271 8.84 -2.75 -10.11
N GLY A 272 9.76 -1.79 -10.08
CA GLY A 272 10.29 -1.32 -8.83
C GLY A 272 9.28 -0.64 -7.94
N ALA A 273 8.30 0.05 -8.51
CA ALA A 273 7.34 0.75 -7.64
C ALA A 273 6.31 -0.22 -7.04
N ASN A 274 6.37 -1.51 -7.42
CA ASN A 274 5.57 -2.55 -6.75
C ASN A 274 6.45 -3.55 -6.03
N THR A 275 7.66 -3.11 -5.67
CA THR A 275 8.63 -3.91 -4.92
C THR A 275 8.89 -3.21 -3.60
N ARG A 276 8.73 -3.90 -2.48
CA ARG A 276 8.92 -3.26 -1.18
C ARG A 276 10.17 -3.76 -0.48
N VAL A 277 10.80 -2.85 0.24
CA VAL A 277 11.95 -3.14 1.06
C VAL A 277 11.77 -2.57 2.45
N ARG A 278 12.33 -3.27 3.44
CA ARG A 278 12.34 -2.77 4.81
C ARG A 278 13.47 -1.80 5.02
N SER A 279 13.13 -0.63 5.54
CA SER A 279 14.12 0.44 5.71
C SER A 279 13.72 1.34 6.86
N TRP A 280 14.39 2.48 6.96
CA TRP A 280 14.32 3.30 8.16
C TRP A 280 14.70 4.73 7.85
N THR A 281 13.97 5.69 8.43
CA THR A 281 14.43 7.08 8.46
C THR A 281 14.13 7.64 9.83
N PRO A 282 14.72 8.80 10.15
CA PRO A 282 14.55 9.31 11.52
C PRO A 282 13.10 9.58 11.93
N THR A 283 12.31 10.12 11.00
CA THR A 283 10.92 10.45 11.28
C THR A 283 10.02 9.24 11.08
N ALA A 284 10.27 8.47 10.02
CA ALA A 284 9.47 7.27 9.78
C ALA A 284 9.74 6.17 10.78
N MET A 285 10.96 6.16 11.31
N MET A 285 10.95 6.14 11.32
CA MET A 285 11.53 4.97 11.94
CA MET A 285 11.45 4.95 11.99
C MET A 285 11.32 3.81 10.94
C MET A 285 11.36 3.82 10.97
N ALA A 286 11.03 2.60 11.39
CA ALA A 286 10.90 1.48 10.45
C ALA A 286 9.75 1.74 9.49
N GLN A 287 10.01 1.53 8.22
CA GLN A 287 9.02 1.70 7.18
C GLN A 287 9.29 0.81 5.98
N TYR A 288 8.27 0.68 5.16
CA TYR A 288 8.47 0.16 3.82
C TYR A 288 8.91 1.28 2.89
N GLY A 289 9.91 0.98 2.07
CA GLY A 289 10.18 1.80 0.92
C GLY A 289 9.91 0.98 -0.34
N PHE A 290 9.69 1.69 -1.45
CA PHE A 290 9.66 1.05 -2.75
C PHE A 290 11.04 1.03 -3.42
N LEU A 291 11.35 -0.11 -4.03
CA LEU A 291 12.66 -0.36 -4.65
C LEU A 291 12.66 0.14 -6.08
N VAL A 292 12.40 1.42 -6.23
CA VAL A 292 12.39 2.08 -7.51
C VAL A 292 13.82 2.29 -8.03
N THR A 293 14.04 1.90 -9.29
CA THR A 293 15.34 2.12 -9.89
C THR A 293 15.73 3.59 -9.92
N HIS A 294 17.01 3.83 -9.68
CA HIS A 294 17.58 5.16 -9.60
C HIS A 294 19.01 5.10 -10.07
N ASN A 295 19.45 6.12 -10.78
CA ASN A 295 20.82 6.15 -11.27
C ASN A 295 21.86 5.95 -10.17
N GLU A 296 21.63 6.58 -9.00
CA GLU A 296 22.65 6.56 -7.94
C GLU A 296 22.79 5.19 -7.28
N SER A 297 21.76 4.37 -7.38
CA SER A 297 21.86 2.98 -6.89
C SER A 297 23.05 2.30 -7.55
N ILE A 298 23.21 2.54 -8.84
CA ILE A 298 24.36 2.02 -9.56
C ILE A 298 25.59 2.92 -9.37
N SER A 299 25.45 4.24 -9.51
CA SER A 299 26.63 5.10 -9.55
C SER A 299 27.38 5.11 -8.22
N ILE A 300 26.65 5.05 -7.10
CA ILE A 300 27.31 5.07 -5.78
C ILE A 300 28.01 3.73 -5.53
N ALA A 301 27.34 2.64 -5.87
CA ALA A 301 27.97 1.32 -5.72
C ALA A 301 29.23 1.21 -6.58
N ASP A 302 29.16 1.73 -7.80
CA ASP A 302 30.29 1.69 -8.72
C ASP A 302 31.43 2.55 -8.16
N PHE A 303 31.07 3.75 -7.70
CA PHE A 303 32.05 4.68 -7.19
C PHE A 303 32.82 4.09 -6.01
N LEU A 304 32.12 3.34 -5.18
CA LEU A 304 32.68 2.79 -3.96
C LEU A 304 33.18 1.36 -4.14
N THR A 305 33.47 0.98 -5.37
CA THR A 305 34.02 -0.35 -5.66
C THR A 305 35.55 -0.36 -5.51
N VAL A 306 36.05 -1.34 -4.74
CA VAL A 306 37.49 -1.60 -4.63
C VAL A 306 37.76 -2.85 -5.43
N ARG A 307 38.76 -2.77 -6.31
CA ARG A 307 39.15 -3.93 -7.11
C ARG A 307 40.56 -4.40 -6.77
N ASP A 308 40.83 -5.68 -7.00
CA ASP A 308 42.18 -6.22 -6.85
C ASP A 308 43.02 -5.95 -8.10
N ALA A 309 44.25 -6.43 -8.10
CA ALA A 309 45.17 -6.19 -9.21
C ALA A 309 44.67 -6.82 -10.50
N ALA A 310 43.91 -7.90 -10.38
CA ALA A 310 43.30 -8.56 -11.52
C ALA A 310 42.03 -7.84 -12.00
N GLY A 311 41.66 -6.74 -11.33
CA GLY A 311 40.51 -5.96 -11.74
C GLY A 311 39.17 -6.51 -11.26
N GLN A 312 39.22 -7.51 -10.38
CA GLN A 312 38.01 -8.09 -9.82
C GLN A 312 37.55 -7.26 -8.61
N ALA A 313 36.25 -7.05 -8.51
CA ALA A 313 35.71 -6.33 -7.35
C ALA A 313 35.87 -7.19 -6.11
N VAL A 314 36.57 -6.67 -5.10
CA VAL A 314 36.71 -7.34 -3.81
C VAL A 314 35.83 -6.69 -2.75
N TYR A 315 35.41 -5.43 -2.97
CA TYR A 315 34.46 -4.75 -2.10
C TYR A 315 33.55 -3.86 -2.94
N ARG A 316 32.26 -3.90 -2.65
CA ARG A 316 31.31 -2.97 -3.21
C ARG A 316 30.13 -2.96 -2.23
N PRO A 317 29.54 -1.77 -1.95
CA PRO A 317 28.32 -1.75 -1.13
C PRO A 317 27.07 -2.06 -1.92
N THR A 318 26.09 -2.67 -1.29
CA THR A 318 24.74 -2.65 -1.84
C THR A 318 24.27 -1.22 -1.81
N CYS A 319 23.51 -0.82 -2.82
CA CYS A 319 22.96 0.54 -2.81
C CYS A 319 21.66 0.56 -3.57
N HIS A 320 20.59 1.01 -2.93
CA HIS A 320 19.34 1.19 -3.66
C HIS A 320 18.40 2.14 -2.95
N TYR A 321 17.39 2.55 -3.71
CA TYR A 321 16.33 3.41 -3.23
C TYR A 321 15.43 2.62 -2.31
N ALA A 322 14.96 3.29 -1.27
CA ALA A 322 13.96 2.75 -0.37
C ALA A 322 13.00 3.89 -0.12
N TYR A 323 12.10 4.08 -1.08
CA TYR A 323 11.28 5.29 -1.19
C TYR A 323 9.90 5.14 -0.60
N HIS A 324 9.61 5.93 0.43
CA HIS A 324 8.24 6.07 0.91
C HIS A 324 7.76 7.46 0.45
N PRO A 325 6.99 7.49 -0.65
CA PRO A 325 6.53 8.79 -1.14
C PRO A 325 5.37 9.29 -0.29
N CYS A 326 4.79 10.41 -0.68
CA CYS A 326 3.73 10.97 0.12
C CYS A 326 2.55 9.99 0.15
N ASN A 327 1.71 10.13 1.17
CA ASN A 327 0.58 9.22 1.34
C ASN A 327 -0.27 9.07 0.08
N ASP A 328 -0.53 10.18 -0.62
CA ASP A 328 -1.38 10.10 -1.78
C ASP A 328 -0.71 9.37 -2.94
N ALA A 329 0.61 9.41 -2.99
CA ALA A 329 1.38 8.64 -3.97
C ALA A 329 1.35 7.15 -3.62
N VAL A 330 1.43 6.82 -2.34
CA VAL A 330 1.29 5.43 -1.93
C VAL A 330 -0.07 4.90 -2.43
N LEU A 331 -1.13 5.67 -2.17
CA LEU A 331 -2.45 5.27 -2.62
C LEU A 331 -2.50 5.21 -4.15
N SER A 332 -1.79 6.13 -4.82
CA SER A 332 -1.78 6.16 -6.27
C SER A 332 -1.14 4.92 -6.88
N LEU A 333 -0.09 4.45 -6.23
CA LEU A 333 0.57 3.22 -6.69
C LEU A 333 -0.32 2.01 -6.48
N HIS A 334 -0.99 1.96 -5.33
CA HIS A 334 -1.89 0.85 -4.98
C HIS A 334 -3.01 0.77 -6.01
N GLU A 335 -3.50 1.96 -6.37
CA GLU A 335 -4.52 2.09 -7.41
C GLU A 335 -4.02 1.69 -8.80
N MET A 336 -2.86 2.21 -9.21
CA MET A 336 -2.34 1.94 -10.55
C MET A 336 -2.03 0.45 -10.72
N PHE A 337 -1.31 -0.13 -9.77
CA PHE A 337 -0.95 -1.54 -9.91
C PHE A 337 -2.17 -2.44 -9.72
N GLY A 338 -3.11 -2.04 -8.87
CA GLY A 338 -4.29 -2.85 -8.62
C GLY A 338 -5.23 -2.86 -9.81
N SER A 339 -5.30 -1.72 -10.50
N SER A 339 -5.29 -1.74 -10.51
CA SER A 339 -6.12 -1.58 -11.70
CA SER A 339 -6.16 -1.64 -11.68
C SER A 339 -5.44 -2.21 -12.90
C SER A 339 -5.44 -2.11 -12.94
N GLY A 340 -4.12 -2.21 -12.87
CA GLY A 340 -3.32 -2.64 -14.00
C GLY A 340 -3.22 -1.62 -15.10
N LYS A 341 -3.51 -0.36 -14.79
CA LYS A 341 -3.40 0.71 -15.78
C LYS A 341 -3.17 2.06 -15.13
N ARG A 342 -2.55 2.96 -15.87
CA ARG A 342 -2.36 4.31 -15.40
C ARG A 342 -3.70 5.02 -15.24
N GLN A 343 -3.80 5.83 -14.19
CA GLN A 343 -4.99 6.63 -13.95
C GLN A 343 -5.29 7.58 -15.11
N SER A 344 -6.55 7.97 -15.22
CA SER A 344 -7.03 8.86 -16.28
C SER A 344 -6.44 10.26 -16.20
N ASP A 345 -6.11 10.67 -14.98
CA ASP A 345 -5.63 12.03 -14.75
C ASP A 345 -4.54 11.99 -13.69
N TRP A 346 -3.82 13.09 -13.56
CA TRP A 346 -2.82 13.17 -12.50
C TRP A 346 -2.64 14.59 -12.04
N ARG A 347 -2.09 14.77 -10.86
CA ARG A 347 -1.73 16.10 -10.41
C ARG A 347 -0.52 16.06 -9.51
N ILE A 348 0.24 17.14 -9.59
CA ILE A 348 1.36 17.39 -8.70
C ILE A 348 0.94 18.39 -7.65
N LEU A 349 1.15 18.03 -6.38
CA LEU A 349 0.75 18.89 -5.27
C LEU A 349 1.57 20.17 -5.23
N ASP A 350 0.86 21.30 -5.26
CA ASP A 350 1.38 22.66 -5.08
C ASP A 350 1.60 22.98 -3.62
N GLU A 351 2.53 23.88 -3.29
CA GLU A 351 2.76 24.15 -1.87
C GLU A 351 1.51 24.71 -1.20
N THR A 352 0.67 25.41 -1.97
CA THR A 352 -0.58 25.93 -1.42
C THR A 352 -1.59 24.84 -1.08
N GLU A 353 -1.38 23.65 -1.63
CA GLU A 353 -2.25 22.50 -1.41
C GLU A 353 -1.72 21.55 -0.35
N ILE A 354 -0.57 21.88 0.23
CA ILE A 354 0.07 21.01 1.19
C ILE A 354 -0.14 21.63 2.57
N VAL A 355 -0.77 20.89 3.48
CA VAL A 355 -1.09 21.45 4.79
C VAL A 355 0.07 21.34 5.78
N ASP A 356 0.93 20.36 5.57
CA ASP A 356 2.09 20.15 6.42
C ASP A 356 2.93 19.04 5.82
N GLY A 357 4.06 18.79 6.45
CA GLY A 357 4.90 17.67 6.08
C GLY A 357 6.28 18.10 5.62
N ILE A 358 7.11 17.09 5.42
CA ILE A 358 8.52 17.28 5.08
C ILE A 358 8.91 16.27 4.02
N ASP A 359 10.00 16.54 3.31
CA ASP A 359 10.63 15.52 2.49
C ASP A 359 11.93 15.18 3.23
N GLU A 360 11.91 14.03 3.90
CA GLU A 360 13.07 13.57 4.65
C GLU A 360 13.85 12.65 3.73
N LEU A 361 15.01 13.11 3.29
CA LEU A 361 15.76 12.43 2.24
C LEU A 361 17.21 12.33 2.66
N GLY A 362 17.68 11.10 2.81
CA GLY A 362 19.03 10.89 3.26
C GLY A 362 19.57 9.56 2.80
N VAL A 363 20.78 9.25 3.26
CA VAL A 363 21.41 7.98 2.99
C VAL A 363 21.58 7.21 4.29
N LEU A 364 21.22 5.93 4.24
CA LEU A 364 21.30 5.03 5.37
C LEU A 364 22.42 4.07 5.13
N LEU A 365 23.57 4.33 5.77
CA LEU A 365 24.74 3.48 5.68
C LEU A 365 24.63 2.43 6.77
N TYR A 366 24.73 1.16 6.40
CA TYR A 366 24.55 0.10 7.39
C TYR A 366 25.65 -0.95 7.33
N GLY A 367 25.76 -1.69 8.42
CA GLY A 367 26.68 -2.82 8.47
C GLY A 367 27.99 -2.53 9.18
N HIS A 368 28.22 -1.25 9.47
CA HIS A 368 29.43 -0.80 10.14
C HIS A 368 29.29 -0.96 11.66
N GLY A 369 30.29 -0.52 12.42
CA GLY A 369 30.31 -0.74 13.86
C GLY A 369 29.18 -0.12 14.64
N LYS A 370 28.55 0.92 14.12
CA LYS A 370 27.43 1.53 14.81
C LYS A 370 26.10 1.18 14.17
N ASN A 371 26.12 0.07 13.41
CA ASN A 371 24.97 -0.58 12.79
C ASN A 371 24.38 0.19 11.62
N ALA A 372 23.74 1.32 11.90
CA ALA A 372 23.13 2.11 10.84
C ALA A 372 23.20 3.57 11.18
N TYR A 373 23.39 4.38 10.13
CA TYR A 373 23.55 5.81 10.24
C TYR A 373 22.83 6.45 9.07
N TRP A 374 21.85 7.29 9.38
CA TRP A 374 21.13 8.04 8.39
C TRP A 374 21.65 9.45 8.35
N TYR A 375 22.03 9.90 7.16
CA TYR A 375 22.51 11.26 6.99
C TYR A 375 21.74 11.95 5.89
N GLY A 376 21.12 13.08 6.19
CA GLY A 376 20.43 13.82 5.14
C GLY A 376 19.59 14.96 5.61
N SER A 377 18.70 15.35 4.72
CA SER A 377 17.90 16.57 4.82
C SER A 377 16.51 16.32 5.36
N GLN A 378 16.08 17.19 6.28
CA GLN A 378 14.72 17.19 6.77
C GLN A 378 14.03 18.48 6.41
N LEU A 379 13.64 18.60 5.15
CA LEU A 379 13.10 19.87 4.67
C LEU A 379 11.59 19.90 4.76
N SER A 380 11.08 20.83 5.57
CA SER A 380 9.63 21.00 5.71
C SER A 380 9.03 21.92 4.65
N ILE A 381 7.74 21.76 4.43
CA ILE A 381 7.04 22.65 3.53
C ILE A 381 7.05 24.07 4.12
N GLU A 382 7.03 24.19 5.45
CA GLU A 382 7.06 25.50 6.11
C GLU A 382 8.38 26.21 5.81
N GLU A 383 9.49 25.49 6.00
CA GLU A 383 10.80 26.07 5.70
C GLU A 383 10.88 26.46 4.21
N THR A 384 10.40 25.57 3.33
CA THR A 384 10.45 25.80 1.90
C THR A 384 9.80 27.13 1.55
N ARG A 385 8.60 27.34 2.09
CA ARG A 385 7.86 28.57 1.77
C ARG A 385 8.60 29.82 2.22
N ARG A 386 9.37 29.71 3.31
CA ARG A 386 10.08 30.86 3.84
C ARG A 386 11.22 31.29 2.94
N ILE A 387 11.77 30.36 2.16
CA ILE A 387 13.08 30.63 1.54
C ILE A 387 13.11 30.48 0.04
N ALA A 388 12.10 29.86 -0.57
CA ALA A 388 12.09 29.73 -2.02
C ALA A 388 10.69 29.64 -2.55
N PRO A 389 10.40 30.34 -3.66
CA PRO A 389 9.04 30.32 -4.18
C PRO A 389 8.75 29.22 -5.17
N ASP A 390 7.47 29.01 -5.47
CA ASP A 390 7.02 28.23 -6.61
C ASP A 390 7.36 26.74 -6.52
N GLN A 391 7.51 26.24 -5.31
CA GLN A 391 7.79 24.81 -5.15
C GLN A 391 7.47 24.27 -3.77
N ASN A 392 7.34 22.95 -3.69
CA ASN A 392 7.19 22.29 -2.40
C ASN A 392 8.56 21.76 -1.90
N ALA A 393 8.56 21.01 -0.81
CA ALA A 393 9.83 20.58 -0.22
C ALA A 393 10.58 19.60 -1.12
N THR A 394 9.81 18.76 -1.80
CA THR A 394 10.42 17.82 -2.74
C THR A 394 11.14 18.59 -3.83
N GLY A 395 10.45 19.58 -4.40
CA GLY A 395 11.02 20.37 -5.46
C GLY A 395 12.29 21.09 -5.04
N LEU A 396 12.30 21.64 -3.83
CA LEU A 396 13.43 22.50 -3.41
C LEU A 396 14.71 21.69 -3.14
N GLN A 397 14.61 20.45 -2.64
CA GLN A 397 15.82 19.63 -2.54
C GLN A 397 16.44 19.41 -3.92
N VAL A 398 15.61 19.25 -4.95
CA VAL A 398 16.07 19.02 -6.31
C VAL A 398 16.63 20.30 -6.94
N SER A 399 15.85 21.39 -6.86
CA SER A 399 16.26 22.62 -7.51
C SER A 399 17.54 23.16 -6.89
N SER A 400 17.67 23.07 -5.57
CA SER A 400 18.89 23.53 -4.92
C SER A 400 20.10 22.68 -5.29
N ALA A 401 19.90 21.39 -5.60
CA ALA A 401 21.00 20.55 -6.06
C ALA A 401 21.44 20.96 -7.46
N VAL A 402 20.49 21.32 -8.31
CA VAL A 402 20.81 21.82 -9.64
C VAL A 402 21.59 23.13 -9.52
N LEU A 403 21.12 24.03 -8.66
CA LEU A 403 21.89 25.24 -8.34
C LEU A 403 23.33 24.91 -7.97
N ALA A 404 23.50 23.99 -7.03
CA ALA A 404 24.84 23.62 -6.59
C ALA A 404 25.68 23.05 -7.73
N GLY A 405 25.09 22.18 -8.55
CA GLY A 405 25.80 21.65 -9.70
C GLY A 405 26.22 22.71 -10.70
N MET A 406 25.36 23.71 -10.89
CA MET A 406 25.69 24.82 -11.76
C MET A 406 26.86 25.64 -11.25
N VAL A 407 26.82 26.00 -9.96
CA VAL A 407 27.97 26.67 -9.34
C VAL A 407 29.24 25.85 -9.50
N TRP A 408 29.16 24.56 -9.21
CA TRP A 408 30.30 23.68 -9.41
C TRP A 408 30.80 23.74 -10.86
N ALA A 409 29.89 23.63 -11.83
CA ALA A 409 30.30 23.59 -13.23
C ALA A 409 31.02 24.87 -13.64
N LEU A 410 30.55 26.00 -13.16
CA LEU A 410 31.16 27.28 -13.49
C LEU A 410 32.55 27.41 -12.87
N GLU A 411 32.79 26.63 -11.83
CA GLU A 411 34.08 26.63 -11.14
C GLU A 411 34.98 25.50 -11.61
N ASN A 412 34.47 24.69 -12.52
CA ASN A 412 35.17 23.49 -13.00
C ASN A 412 34.88 23.28 -14.49
N PRO A 413 35.31 24.22 -15.35
CA PRO A 413 34.87 24.50 -16.74
C PRO A 413 34.97 23.39 -17.83
N ASN A 414 36.09 22.69 -17.76
CA ASN A 414 36.54 21.68 -18.74
C ASN A 414 36.65 20.29 -18.14
N ALA A 415 35.63 19.88 -17.40
CA ALA A 415 35.71 18.65 -16.62
C ALA A 415 35.24 17.44 -17.39
N GLY A 416 34.67 17.65 -18.57
CA GLY A 416 34.06 16.56 -19.30
C GLY A 416 32.77 16.13 -18.62
N ILE A 417 32.29 14.96 -19.02
CA ILE A 417 31.06 14.38 -18.47
C ILE A 417 31.35 13.89 -17.07
N VAL A 418 30.56 14.36 -16.11
CA VAL A 418 30.78 14.01 -14.72
C VAL A 418 29.47 13.58 -14.09
N GLU A 419 29.58 12.65 -13.15
CA GLU A 419 28.47 12.24 -12.30
C GLU A 419 28.49 13.02 -10.99
N ALA A 420 27.39 12.95 -10.24
CA ALA A 420 27.36 13.64 -8.97
C ALA A 420 28.46 13.12 -8.03
N ASP A 421 28.84 11.85 -8.22
CA ASP A 421 29.92 11.24 -7.46
C ASP A 421 31.29 11.85 -7.76
N ASP A 422 31.40 12.50 -8.91
CA ASP A 422 32.65 13.12 -9.35
C ASP A 422 32.81 14.56 -8.86
N LEU A 423 31.72 15.14 -8.37
CA LEU A 423 31.70 16.52 -7.96
C LEU A 423 32.31 16.69 -6.59
N ASP A 424 32.74 17.92 -6.34
N ASP A 424 32.77 17.90 -6.30
CA ASP A 424 33.24 18.39 -5.06
CA ASP A 424 33.34 18.17 -4.98
C ASP A 424 32.14 18.42 -4.00
C ASP A 424 32.22 18.41 -3.98
N PHE A 425 32.04 17.41 -3.14
CA PHE A 425 30.85 17.34 -2.28
C PHE A 425 30.75 18.47 -1.28
N ARG A 426 31.89 18.94 -0.75
CA ARG A 426 31.81 20.01 0.23
C ARG A 426 31.37 21.31 -0.41
N ARG A 427 31.86 21.57 -1.62
CA ARG A 427 31.48 22.79 -2.31
C ARG A 427 29.99 22.75 -2.65
N CYS A 428 29.52 21.63 -3.18
CA CYS A 428 28.12 21.51 -3.56
C CYS A 428 27.23 21.64 -2.33
N LEU A 429 27.60 20.99 -1.23
CA LEU A 429 26.78 21.09 -0.05
C LEU A 429 26.85 22.48 0.58
N GLU A 430 27.97 23.19 0.39
CA GLU A 430 28.11 24.56 0.87
C GLU A 430 27.05 25.45 0.23
N VAL A 431 26.87 25.27 -1.07
CA VAL A 431 25.90 26.05 -1.85
C VAL A 431 24.47 25.58 -1.53
N GLN A 432 24.30 24.28 -1.36
CA GLN A 432 22.95 23.73 -1.27
C GLN A 432 22.29 23.85 0.11
N THR A 433 23.11 23.76 1.16
CA THR A 433 22.60 23.55 2.51
C THR A 433 21.60 24.62 3.01
N PRO A 434 21.71 25.88 2.54
CA PRO A 434 20.69 26.85 2.98
C PRO A 434 19.28 26.45 2.62
N TYR A 435 19.14 25.50 1.68
CA TYR A 435 17.83 25.10 1.18
C TYR A 435 17.40 23.72 1.66
N LEU A 436 18.14 23.16 2.61
CA LEU A 436 17.89 21.76 2.99
C LEU A 436 17.29 21.57 4.36
N GLY A 437 17.07 22.64 5.12
CA GLY A 437 16.60 22.47 6.49
C GLY A 437 17.71 21.79 7.26
N PRO A 438 17.36 21.09 8.35
CA PRO A 438 18.37 20.36 9.08
C PRO A 438 19.05 19.32 8.22
N VAL A 439 20.37 19.31 8.20
CA VAL A 439 21.13 18.24 7.58
C VAL A 439 21.80 17.52 8.76
N VAL A 440 21.32 16.33 9.04
CA VAL A 440 21.57 15.65 10.31
C VAL A 440 22.00 14.22 10.09
N GLY A 441 22.78 13.72 11.03
CA GLY A 441 23.17 12.32 11.06
C GLY A 441 22.61 11.67 12.31
N VAL A 442 21.97 10.53 12.12
CA VAL A 442 21.25 9.85 13.19
C VAL A 442 21.61 8.39 13.15
N TYR A 443 22.11 7.88 14.28
CA TYR A 443 22.35 6.45 14.40
C TYR A 443 21.09 5.74 14.86
N THR A 444 20.93 4.49 14.43
CA THR A 444 19.89 3.64 14.95
C THR A 444 20.37 2.22 15.17
N ASP A 445 19.76 1.54 16.13
CA ASP A 445 20.01 0.12 16.35
C ASP A 445 19.01 -0.76 15.60
N TRP A 446 18.06 -0.15 14.88
CA TRP A 446 17.12 -0.91 14.07
C TRP A 446 17.85 -1.71 13.01
N THR A 447 17.36 -2.90 12.75
CA THR A 447 17.81 -3.69 11.62
C THR A 447 16.59 -4.34 10.98
N PRO A 448 16.75 -4.83 9.73
CA PRO A 448 15.63 -5.49 9.04
C PRO A 448 15.09 -6.72 9.78
N LEU A 449 15.85 -7.26 10.73
CA LEU A 449 15.33 -8.39 11.51
C LEU A 449 14.63 -8.02 12.81
N ALA A 450 14.46 -6.72 13.08
CA ALA A 450 13.70 -6.32 14.25
C ALA A 450 12.34 -7.03 14.30
N GLY A 451 12.09 -7.75 15.40
CA GLY A 451 10.80 -8.40 15.61
C GLY A 451 10.60 -9.67 14.82
N ARG A 452 11.66 -10.17 14.18
CA ARG A 452 11.55 -11.33 13.32
C ARG A 452 12.45 -12.45 13.82
N PRO A 453 12.02 -13.71 13.63
CA PRO A 453 10.75 -14.09 13.01
C PRO A 453 9.61 -13.81 13.98
N GLY A 454 8.43 -13.57 13.43
CA GLY A 454 7.26 -13.28 14.22
C GLY A 454 6.29 -14.45 14.18
N LEU A 455 5.06 -14.16 13.77
CA LEU A 455 3.97 -15.13 13.83
C LEU A 455 4.05 -16.24 12.78
N PHE A 456 4.86 -16.03 11.74
CA PHE A 456 4.95 -16.98 10.64
C PHE A 456 6.41 -17.31 10.36
N PRO A 457 6.67 -18.50 9.83
CA PRO A 457 8.06 -18.77 9.44
C PRO A 457 8.46 -17.90 8.27
N GLU A 458 9.74 -17.55 8.20
CA GLU A 458 10.27 -16.72 7.14
C GLU A 458 11.65 -17.21 6.78
N ASP A 459 12.01 -17.04 5.52
CA ASP A 459 13.37 -17.31 5.08
C ASP A 459 14.22 -16.07 5.37
N ILE A 460 14.81 -16.05 6.55
CA ILE A 460 15.69 -14.97 6.95
C ILE A 460 17.07 -15.52 7.22
N ASP A 461 18.03 -14.63 7.23
CA ASP A 461 19.43 -14.95 7.52
C ASP A 461 19.79 -14.22 8.78
N THR A 462 19.76 -14.93 9.91
CA THR A 462 19.98 -14.29 11.20
C THR A 462 21.43 -14.00 11.50
N SER A 463 22.32 -14.53 10.66
CA SER A 463 23.74 -14.30 10.86
C SER A 463 24.15 -12.92 10.39
N ASP A 464 23.28 -12.24 9.66
CA ASP A 464 23.65 -10.99 9.01
C ASP A 464 22.37 -10.21 8.71
N PRO A 465 21.96 -9.36 9.66
CA PRO A 465 20.64 -8.71 9.58
C PRO A 465 20.41 -7.89 8.31
N TRP A 466 21.45 -7.32 7.74
CA TRP A 466 21.27 -6.38 6.64
C TRP A 466 21.29 -7.03 5.25
N GLN A 467 21.41 -8.34 5.19
CA GLN A 467 21.29 -9.05 3.92
C GLN A 467 20.02 -8.66 3.19
N PHE A 468 20.14 -8.52 1.87
CA PHE A 468 19.01 -8.18 1.05
C PHE A 468 17.91 -9.21 1.24
N ARG A 469 18.30 -10.48 1.48
CA ARG A 469 17.33 -11.53 1.81
C ARG A 469 16.34 -11.10 2.89
N ASN A 470 16.84 -10.35 3.87
CA ASN A 470 16.05 -9.88 4.99
C ASN A 470 15.32 -8.56 4.71
N VAL A 471 15.89 -7.79 3.81
CA VAL A 471 15.35 -6.47 3.48
C VAL A 471 14.14 -6.55 2.56
N LEU A 472 14.26 -7.38 1.52
CA LEU A 472 13.23 -7.51 0.51
C LEU A 472 11.95 -8.10 1.08
N VAL A 473 10.82 -7.47 0.79
CA VAL A 473 9.54 -7.97 1.20
C VAL A 473 9.05 -9.01 0.19
N ARG A 474 8.88 -10.24 0.66
CA ARG A 474 8.65 -11.40 -0.20
C ARG A 474 7.38 -12.13 0.22
N ASP B 1 -44.52 3.32 8.84
CA ASP B 1 -43.55 3.27 9.94
C ASP B 1 -42.62 2.08 9.80
N TRP B 2 -41.64 1.99 10.70
CA TRP B 2 -40.72 0.87 10.70
C TRP B 2 -41.43 -0.41 11.20
N PRO B 3 -41.19 -1.55 10.54
CA PRO B 3 -41.82 -2.79 10.99
C PRO B 3 -41.30 -3.26 12.34
N VAL B 4 -42.23 -3.68 13.18
CA VAL B 4 -41.88 -4.32 14.44
C VAL B 4 -42.07 -5.81 14.27
N TYR B 5 -40.96 -6.55 14.23
CA TYR B 5 -41.01 -7.96 13.82
C TYR B 5 -41.44 -8.91 14.93
N HIS B 6 -40.97 -8.66 16.14
CA HIS B 6 -41.19 -9.56 17.27
C HIS B 6 -41.19 -8.84 18.59
N ARG B 7 -41.78 -9.49 19.58
CA ARG B 7 -41.63 -9.11 20.95
C ARG B 7 -40.53 -9.94 21.57
N ILE B 8 -39.71 -9.31 22.38
CA ILE B 8 -38.72 -10.01 23.16
C ILE B 8 -39.13 -9.87 24.63
N ASP B 9 -39.20 -11.00 25.33
CA ASP B 9 -39.79 -11.06 26.68
C ASP B 9 -38.76 -11.40 27.75
N GLY B 10 -37.50 -11.39 27.36
CA GLY B 10 -36.42 -11.63 28.29
C GLY B 10 -35.32 -10.60 28.12
N PRO B 11 -34.25 -10.75 28.89
CA PRO B 11 -33.13 -9.81 28.81
C PRO B 11 -32.44 -9.84 27.46
N ILE B 12 -32.01 -8.66 27.00
CA ILE B 12 -31.18 -8.54 25.81
C ILE B 12 -29.82 -8.07 26.29
N VAL B 13 -28.86 -8.98 26.30
CA VAL B 13 -27.55 -8.73 26.84
C VAL B 13 -26.59 -8.47 25.69
N MET B 14 -26.25 -7.21 25.46
CA MET B 14 -25.33 -6.81 24.42
CA MET B 14 -25.32 -6.84 24.41
C MET B 14 -23.92 -6.77 25.00
N ILE B 15 -23.04 -7.62 24.49
CA ILE B 15 -21.66 -7.63 24.89
C ILE B 15 -20.85 -6.85 23.86
N GLY B 16 -20.32 -5.70 24.25
CA GLY B 16 -19.61 -4.82 23.35
C GLY B 16 -20.45 -3.66 22.86
N PHE B 17 -19.90 -2.45 22.99
CA PHE B 17 -20.58 -1.27 22.51
C PHE B 17 -19.57 -0.40 21.76
N GLY B 18 -18.93 -1.03 20.79
CA GLY B 18 -18.07 -0.36 19.83
C GLY B 18 -18.87 0.03 18.60
N SER B 19 -18.22 0.09 17.43
CA SER B 19 -18.91 0.64 16.28
C SER B 19 -20.14 -0.19 15.94
N ILE B 20 -20.07 -1.50 16.09
CA ILE B 20 -21.21 -2.32 15.68
C ILE B 20 -22.31 -2.35 16.76
N GLY B 21 -21.95 -2.46 18.03
CA GLY B 21 -22.93 -2.33 19.11
C GLY B 21 -23.69 -1.01 19.02
N ARG B 22 -22.96 0.08 18.76
CA ARG B 22 -23.60 1.40 18.65
C ARG B 22 -24.59 1.48 17.48
N GLY B 23 -24.31 0.76 16.40
CA GLY B 23 -25.19 0.78 15.24
C GLY B 23 -26.36 -0.18 15.38
N THR B 24 -26.16 -1.20 16.20
CA THR B 24 -27.13 -2.28 16.33
C THR B 24 -28.20 -1.94 17.36
N LEU B 25 -27.80 -1.31 18.46
CA LEU B 25 -28.76 -0.94 19.51
C LEU B 25 -29.99 -0.19 18.96
N PRO B 26 -29.79 0.83 18.10
CA PRO B 26 -30.97 1.57 17.61
C PRO B 26 -31.90 0.72 16.74
N LEU B 27 -31.34 -0.25 16.02
CA LEU B 27 -32.17 -1.15 15.21
C LEU B 27 -32.95 -2.13 16.10
N ILE B 28 -32.32 -2.60 17.16
CA ILE B 28 -33.03 -3.47 18.10
C ILE B 28 -34.20 -2.73 18.72
N GLU B 29 -33.96 -1.49 19.16
CA GLU B 29 -35.04 -0.68 19.74
C GLU B 29 -36.13 -0.39 18.71
N ARG B 30 -35.73 -0.17 17.46
CA ARG B 30 -36.65 0.19 16.40
C ARG B 30 -37.58 -0.96 16.04
N HIS B 31 -37.04 -2.16 15.97
CA HIS B 31 -37.73 -3.25 15.28
C HIS B 31 -38.28 -4.33 16.20
N PHE B 32 -38.03 -4.21 17.50
CA PHE B 32 -38.55 -5.19 18.45
C PHE B 32 -39.33 -4.52 19.56
N ALA B 33 -40.37 -5.22 20.02
CA ALA B 33 -41.18 -4.74 21.15
C ALA B 33 -40.65 -5.35 22.43
N PHE B 34 -40.31 -4.50 23.38
CA PHE B 34 -39.85 -4.98 24.67
C PHE B 34 -39.74 -3.82 25.63
N ASP B 35 -39.84 -4.11 26.91
CA ASP B 35 -39.64 -3.12 27.93
C ASP B 35 -38.20 -2.64 27.80
N ARG B 36 -38.01 -1.34 27.61
CA ARG B 36 -36.71 -0.80 27.23
C ARG B 36 -35.59 -1.26 28.14
N SER B 37 -35.89 -1.43 29.42
CA SER B 37 -34.87 -1.74 30.40
C SER B 37 -34.44 -3.21 30.44
N LYS B 38 -35.02 -4.05 29.57
CA LYS B 38 -34.55 -5.41 29.44
C LYS B 38 -33.20 -5.44 28.73
N LEU B 39 -32.87 -4.34 28.05
CA LEU B 39 -31.59 -4.24 27.35
C LEU B 39 -30.47 -3.83 28.31
N VAL B 40 -29.35 -4.54 28.26
CA VAL B 40 -28.18 -4.11 29.03
C VAL B 40 -26.96 -4.33 28.17
N VAL B 41 -26.01 -3.40 28.29
CA VAL B 41 -24.79 -3.41 27.50
C VAL B 41 -23.60 -3.62 28.43
N ILE B 42 -22.69 -4.50 28.03
CA ILE B 42 -21.48 -4.77 28.80
C ILE B 42 -20.24 -4.36 27.99
N ASP B 43 -19.41 -3.46 28.50
CA ASP B 43 -18.22 -3.03 27.79
C ASP B 43 -17.27 -2.39 28.78
N PRO B 44 -15.97 -2.72 28.74
CA PRO B 44 -15.03 -2.09 29.69
C PRO B 44 -14.67 -0.63 29.40
N SER B 45 -15.01 -0.13 28.23
CA SER B 45 -14.50 1.14 27.75
C SER B 45 -15.23 2.33 28.35
N ASP B 46 -14.46 3.34 28.76
CA ASP B 46 -15.05 4.61 29.19
C ASP B 46 -15.82 5.31 28.07
N GLU B 47 -15.28 5.25 26.86
CA GLU B 47 -15.92 5.88 25.71
C GLU B 47 -17.29 5.25 25.48
N ALA B 48 -17.32 3.93 25.54
CA ALA B 48 -18.56 3.17 25.35
C ALA B 48 -19.58 3.53 26.42
N ARG B 49 -19.12 3.63 27.67
CA ARG B 49 -20.00 3.99 28.78
C ARG B 49 -20.70 5.32 28.55
N LYS B 50 -19.93 6.32 28.12
CA LYS B 50 -20.49 7.65 27.95
C LYS B 50 -21.58 7.64 26.87
N LEU B 51 -21.32 6.95 25.77
CA LEU B 51 -22.28 6.86 24.68
C LEU B 51 -23.52 6.09 25.11
N ALA B 52 -23.33 5.04 25.90
CA ALA B 52 -24.44 4.23 26.36
C ALA B 52 -25.33 5.05 27.30
N GLU B 53 -24.70 5.85 28.16
CA GLU B 53 -25.44 6.73 29.07
C GLU B 53 -26.30 7.73 28.31
N ALA B 54 -25.78 8.26 27.21
CA ALA B 54 -26.54 9.19 26.39
C ALA B 54 -27.76 8.53 25.74
N ARG B 55 -27.70 7.21 25.54
CA ARG B 55 -28.78 6.49 24.86
C ARG B 55 -29.76 5.91 25.88
N GLY B 56 -29.44 6.05 27.15
CA GLY B 56 -30.34 5.64 28.21
C GLY B 56 -30.51 4.13 28.28
N VAL B 57 -29.39 3.42 28.28
N VAL B 57 -29.39 3.42 28.25
CA VAL B 57 -29.40 1.97 28.39
CA VAL B 57 -29.42 1.96 28.38
C VAL B 57 -28.61 1.54 29.63
C VAL B 57 -28.61 1.53 29.60
N ARG B 58 -29.08 0.49 30.28
CA ARG B 58 -28.32 -0.16 31.35
C ARG B 58 -26.93 -0.45 30.81
N PHE B 59 -25.92 -0.11 31.60
CA PHE B 59 -24.54 -0.30 31.19
C PHE B 59 -23.73 -0.90 32.33
N ILE B 60 -23.00 -1.94 32.01
CA ILE B 60 -22.10 -2.59 32.94
C ILE B 60 -20.69 -2.41 32.44
N GLN B 61 -19.91 -1.60 33.14
CA GLN B 61 -18.54 -1.36 32.71
C GLN B 61 -17.62 -2.43 33.23
N GLN B 62 -17.46 -3.49 32.44
CA GLN B 62 -16.65 -4.62 32.84
C GLN B 62 -16.18 -5.37 31.60
N ALA B 63 -14.96 -5.90 31.66
CA ALA B 63 -14.46 -6.82 30.65
C ALA B 63 -14.95 -8.22 30.96
N VAL B 64 -15.55 -8.88 29.97
CA VAL B 64 -15.91 -10.27 30.06
C VAL B 64 -14.65 -11.11 29.84
N THR B 65 -14.32 -11.95 30.80
CA THR B 65 -13.08 -12.71 30.75
C THR B 65 -13.34 -14.18 30.99
N ARG B 66 -12.34 -15.00 30.67
CA ARG B 66 -12.46 -16.43 30.89
C ARG B 66 -12.77 -16.72 32.35
N ASP B 67 -12.18 -15.91 33.24
CA ASP B 67 -12.36 -16.09 34.68
C ASP B 67 -13.74 -15.67 35.20
N ASN B 68 -14.34 -14.63 34.62
CA ASN B 68 -15.58 -14.09 35.18
C ASN B 68 -16.85 -14.30 34.35
N TYR B 69 -16.76 -14.89 33.16
CA TYR B 69 -17.90 -14.77 32.26
C TYR B 69 -19.16 -15.48 32.77
N ARG B 70 -19.01 -16.59 33.50
CA ARG B 70 -20.19 -17.27 34.03
C ARG B 70 -20.82 -16.46 35.17
N GLU B 71 -19.98 -15.96 36.05
CA GLU B 71 -20.46 -15.21 37.22
C GLU B 71 -21.13 -13.93 36.75
N LEU B 72 -20.57 -13.34 35.69
CA LEU B 72 -21.09 -12.09 35.16
C LEU B 72 -22.35 -12.28 34.33
N LEU B 73 -22.30 -13.21 33.37
CA LEU B 73 -23.36 -13.29 32.38
C LEU B 73 -24.62 -14.05 32.82
N VAL B 74 -24.49 -15.07 33.67
CA VAL B 74 -25.65 -15.92 33.93
C VAL B 74 -26.78 -15.14 34.62
N PRO B 75 -26.45 -14.32 35.63
CA PRO B 75 -27.52 -13.51 36.26
C PRO B 75 -28.23 -12.59 35.28
N LEU B 76 -27.51 -12.11 34.27
CA LEU B 76 -28.07 -11.19 33.31
C LEU B 76 -28.97 -11.93 32.32
N LEU B 77 -28.49 -13.08 31.86
CA LEU B 77 -29.21 -13.87 30.85
C LEU B 77 -30.44 -14.58 31.38
N THR B 78 -30.48 -14.83 32.68
CA THR B 78 -31.51 -15.68 33.28
C THR B 78 -32.43 -14.86 34.16
N ALA B 79 -32.34 -13.54 34.04
CA ALA B 79 -33.20 -12.67 34.83
C ALA B 79 -34.68 -12.89 34.50
N GLY B 80 -34.97 -13.37 33.29
CA GLY B 80 -36.34 -13.67 32.94
C GLY B 80 -37.12 -12.40 32.69
N PRO B 81 -38.46 -12.50 32.72
CA PRO B 81 -39.20 -13.72 32.98
C PRO B 81 -39.11 -14.70 31.81
N GLY B 82 -38.89 -14.17 30.61
CA GLY B 82 -38.78 -14.98 29.42
C GLY B 82 -37.35 -15.24 28.96
N GLN B 83 -37.26 -15.73 27.73
CA GLN B 83 -36.01 -16.12 27.10
C GLN B 83 -35.15 -14.92 26.78
N GLY B 84 -33.90 -14.96 27.20
CA GLY B 84 -32.98 -13.87 26.93
C GLY B 84 -32.38 -13.97 25.54
N PHE B 85 -31.65 -12.93 25.14
CA PHE B 85 -30.93 -12.94 23.86
C PHE B 85 -29.58 -12.30 24.10
N CYS B 86 -28.53 -13.07 23.93
CA CYS B 86 -27.17 -12.56 24.02
C CYS B 86 -26.74 -12.07 22.64
N VAL B 87 -26.44 -10.78 22.52
CA VAL B 87 -26.05 -10.16 21.26
C VAL B 87 -24.60 -9.79 21.43
N ASN B 88 -23.71 -10.64 20.92
CA ASN B 88 -22.30 -10.53 21.19
C ASN B 88 -21.60 -9.79 20.05
N LEU B 89 -21.12 -8.57 20.35
CA LEU B 89 -20.53 -7.67 19.37
C LEU B 89 -19.21 -7.15 19.94
N SER B 90 -18.42 -8.06 20.47
CA SER B 90 -17.23 -7.70 21.23
C SER B 90 -15.93 -8.17 20.56
N VAL B 91 -14.81 -7.74 21.13
CA VAL B 91 -13.51 -8.36 20.86
C VAL B 91 -13.00 -8.98 22.14
N ASP B 92 -12.00 -9.85 22.02
CA ASP B 92 -11.25 -10.44 23.15
C ASP B 92 -12.05 -11.42 24.01
N THR B 93 -13.22 -11.83 23.52
CA THR B 93 -14.06 -12.78 24.25
C THR B 93 -14.27 -14.07 23.43
N SER B 94 -14.45 -15.20 24.12
CA SER B 94 -14.67 -16.45 23.41
C SER B 94 -16.11 -16.60 22.94
N SER B 95 -16.30 -16.51 21.63
CA SER B 95 -17.61 -16.76 21.03
C SER B 95 -18.13 -18.14 21.41
N LEU B 96 -17.25 -19.14 21.34
CA LEU B 96 -17.65 -20.51 21.63
C LEU B 96 -18.12 -20.64 23.08
N ASP B 97 -17.35 -20.11 24.03
CA ASP B 97 -17.71 -20.30 25.44
C ASP B 97 -18.96 -19.51 25.78
N ILE B 98 -19.11 -18.30 25.25
CA ILE B 98 -20.32 -17.52 25.55
C ILE B 98 -21.56 -18.15 24.89
N MET B 99 -21.40 -18.64 23.67
CA MET B 99 -22.46 -19.34 22.95
C MET B 99 -22.95 -20.55 23.76
N GLU B 100 -22.01 -21.33 24.25
CA GLU B 100 -22.35 -22.55 24.98
C GLU B 100 -23.01 -22.18 26.31
N LEU B 101 -22.57 -21.09 26.92
CA LEU B 101 -23.19 -20.63 28.16
C LEU B 101 -24.63 -20.14 27.96
N ALA B 102 -24.86 -19.37 26.89
CA ALA B 102 -26.20 -18.93 26.55
C ALA B 102 -27.10 -20.13 26.33
N ARG B 103 -26.61 -21.08 25.54
CA ARG B 103 -27.41 -22.26 25.23
C ARG B 103 -27.72 -23.10 26.47
N GLU B 104 -26.75 -23.25 27.36
CA GLU B 104 -26.97 -23.94 28.63
C GLU B 104 -28.10 -23.31 29.44
N ASN B 105 -28.24 -22.00 29.30
CA ASN B 105 -29.23 -21.25 30.05
C ASN B 105 -30.46 -20.85 29.25
N GLY B 106 -30.63 -21.49 28.09
CA GLY B 106 -31.82 -21.24 27.28
C GLY B 106 -31.93 -19.88 26.68
N ALA B 107 -30.80 -19.18 26.51
CA ALA B 107 -30.80 -17.86 25.89
C ALA B 107 -30.35 -17.96 24.43
N LEU B 108 -30.99 -17.19 23.57
CA LEU B 108 -30.63 -17.05 22.16
C LEU B 108 -29.28 -16.34 22.11
N TYR B 109 -28.56 -16.53 21.02
CA TYR B 109 -27.21 -16.00 20.89
C TYR B 109 -26.94 -15.63 19.44
N ILE B 110 -26.25 -14.51 19.24
CA ILE B 110 -25.78 -14.15 17.91
C ILE B 110 -24.44 -13.46 18.05
N ASP B 111 -23.55 -13.72 17.09
CA ASP B 111 -22.34 -12.91 16.97
C ASP B 111 -21.96 -12.71 15.52
N THR B 112 -20.80 -12.10 15.28
CA THR B 112 -20.40 -11.71 13.92
C THR B 112 -19.00 -12.23 13.60
N VAL B 113 -18.46 -13.06 14.47
CA VAL B 113 -17.09 -13.56 14.36
C VAL B 113 -16.92 -14.70 15.34
N VAL B 114 -16.08 -15.67 15.00
CA VAL B 114 -15.64 -16.64 16.00
C VAL B 114 -14.39 -16.08 16.68
N GLU B 115 -14.60 -15.34 17.77
CA GLU B 115 -13.54 -14.70 18.51
C GLU B 115 -13.06 -15.63 19.63
N PRO B 116 -11.76 -15.63 19.93
CA PRO B 116 -11.19 -16.37 21.06
C PRO B 116 -11.01 -15.47 22.28
N TRP B 117 -10.81 -16.04 23.46
CA TRP B 117 -10.39 -15.25 24.60
C TRP B 117 -9.07 -14.56 24.29
N LEU B 118 -8.94 -13.37 24.83
CA LEU B 118 -7.71 -12.59 24.80
C LEU B 118 -6.47 -13.46 24.99
N GLY B 119 -5.50 -13.31 24.09
CA GLY B 119 -4.24 -14.02 24.19
C GLY B 119 -4.00 -15.07 23.12
N PHE B 120 -5.03 -15.37 22.34
CA PHE B 120 -4.96 -16.35 21.27
C PHE B 120 -4.25 -15.84 20.01
N TYR B 121 -4.66 -14.67 19.52
CA TYR B 121 -4.31 -14.24 18.18
C TYR B 121 -2.81 -14.01 17.99
N PHE B 122 -2.13 -13.64 19.07
CA PHE B 122 -0.71 -13.36 19.00
C PHE B 122 0.09 -14.27 19.91
N ASP B 123 -0.51 -15.41 20.28
CA ASP B 123 0.17 -16.44 21.06
C ASP B 123 1.32 -17.01 20.22
N PRO B 124 2.56 -16.91 20.72
CA PRO B 124 3.68 -17.36 19.89
C PRO B 124 3.81 -18.88 19.83
N ASP B 125 3.26 -19.57 20.81
CA ASP B 125 3.37 -21.01 20.87
C ASP B 125 2.30 -21.74 20.05
N LEU B 126 1.36 -21.00 19.48
CA LEU B 126 0.34 -21.62 18.63
C LEU B 126 0.86 -21.76 17.21
N LYS B 127 0.67 -22.94 16.64
CA LYS B 127 0.99 -23.17 15.24
C LYS B 127 0.09 -22.28 14.39
N PRO B 128 0.61 -21.82 13.24
CA PRO B 128 -0.22 -21.00 12.35
C PRO B 128 -1.56 -21.64 12.03
N GLU B 129 -1.59 -22.97 11.88
CA GLU B 129 -2.83 -23.66 11.55
C GLU B 129 -3.86 -23.46 12.64
N ALA B 130 -3.39 -23.43 13.88
CA ALA B 130 -4.29 -23.35 15.04
C ALA B 130 -4.85 -21.95 15.16
N ARG B 131 -4.18 -20.99 14.52
CA ARG B 131 -4.61 -19.60 14.56
C ARG B 131 -5.52 -19.28 13.37
N SER B 132 -5.91 -20.30 12.62
CA SER B 132 -6.71 -20.09 11.41
C SER B 132 -8.21 -19.97 11.74
N ASN B 133 -8.97 -19.25 10.92
CA ASN B 133 -10.42 -19.24 11.07
C ASN B 133 -11.03 -20.61 10.77
N TYR B 134 -10.37 -21.42 9.95
CA TYR B 134 -10.84 -22.77 9.72
C TYR B 134 -10.89 -23.51 11.07
N ALA B 135 -9.79 -23.45 11.82
CA ALA B 135 -9.69 -24.09 13.12
C ALA B 135 -10.72 -23.54 14.11
N LEU B 136 -10.86 -22.22 14.16
CA LEU B 136 -11.87 -21.62 15.03
C LEU B 136 -13.26 -22.07 14.65
N ARG B 137 -13.58 -22.09 13.36
CA ARG B 137 -14.87 -22.57 12.91
C ARG B 137 -15.09 -24.05 13.25
N GLU B 138 -14.04 -24.85 13.17
CA GLU B 138 -14.19 -26.29 13.47
C GLU B 138 -14.60 -26.49 14.94
N THR B 139 -14.22 -25.58 15.83
CA THR B 139 -14.65 -25.70 17.23
C THR B 139 -16.15 -25.49 17.32
N VAL B 140 -16.69 -24.62 16.48
CA VAL B 140 -18.12 -24.38 16.48
C VAL B 140 -18.84 -25.59 15.89
N LEU B 141 -18.30 -26.16 14.81
CA LEU B 141 -18.94 -27.33 14.19
C LEU B 141 -18.93 -28.51 15.15
N ALA B 142 -17.83 -28.66 15.89
CA ALA B 142 -17.69 -29.75 16.87
C ALA B 142 -18.69 -29.56 18.00
N ALA B 143 -18.90 -28.31 18.43
CA ALA B 143 -19.92 -28.01 19.44
C ALA B 143 -21.31 -28.40 18.98
N ARG B 144 -21.60 -28.14 17.71
CA ARG B 144 -22.88 -28.49 17.16
C ARG B 144 -23.04 -30.01 17.13
N ARG B 145 -21.98 -30.72 16.76
CA ARG B 145 -22.02 -32.18 16.75
C ARG B 145 -22.21 -32.72 18.16
N ASN B 146 -21.59 -32.06 19.14
CA ASN B 146 -21.64 -32.53 20.53
C ASN B 146 -23.02 -32.34 21.16
N LYS B 147 -23.69 -31.24 20.78
CA LYS B 147 -25.00 -30.91 21.32
C LYS B 147 -25.94 -30.43 20.20
N PRO B 148 -26.40 -31.36 19.36
CA PRO B 148 -27.30 -30.99 18.27
C PRO B 148 -28.61 -30.43 18.80
N GLY B 149 -29.26 -29.61 17.98
CA GLY B 149 -30.48 -28.96 18.38
C GLY B 149 -30.29 -28.06 19.58
N GLY B 150 -31.39 -27.81 20.28
CA GLY B 150 -31.38 -26.92 21.42
C GLY B 150 -31.55 -25.49 20.99
N THR B 151 -31.29 -24.58 21.92
CA THR B 151 -31.50 -23.17 21.69
C THR B 151 -30.63 -22.67 20.54
N THR B 152 -31.22 -21.80 19.71
CA THR B 152 -30.54 -21.24 18.53
C THR B 152 -29.40 -20.32 18.90
N ALA B 153 -28.27 -20.54 18.25
CA ALA B 153 -27.11 -19.69 18.39
C ALA B 153 -26.60 -19.47 16.98
N VAL B 154 -26.57 -18.22 16.55
CA VAL B 154 -26.20 -17.87 15.19
C VAL B 154 -24.77 -17.37 15.18
N SER B 155 -23.92 -18.11 14.50
CA SER B 155 -22.50 -17.81 14.42
C SER B 155 -22.17 -17.01 13.18
N CYS B 156 -21.42 -15.91 13.36
CA CYS B 156 -20.90 -15.13 12.25
C CYS B 156 -21.97 -14.59 11.32
N CYS B 157 -22.88 -13.81 11.90
CA CYS B 157 -23.97 -13.16 11.19
C CYS B 157 -23.84 -11.64 11.23
N GLY B 158 -22.77 -11.12 10.64
CA GLY B 158 -22.63 -9.70 10.33
C GLY B 158 -22.80 -9.48 8.84
N ALA B 159 -22.07 -8.51 8.30
CA ALA B 159 -22.13 -8.24 6.87
C ALA B 159 -21.34 -9.30 6.12
N ASN B 160 -20.15 -9.61 6.63
CA ASN B 160 -19.24 -10.55 5.99
C ASN B 160 -18.16 -10.94 7.01
N PRO B 161 -18.30 -12.13 7.61
CA PRO B 161 -19.33 -13.15 7.38
C PRO B 161 -20.73 -12.73 7.75
N GLY B 162 -21.71 -13.27 7.03
CA GLY B 162 -23.10 -13.13 7.39
C GLY B 162 -23.93 -12.91 6.14
N MET B 163 -24.30 -11.66 5.91
CA MET B 163 -25.08 -11.25 4.76
C MET B 163 -24.57 -11.83 3.44
N VAL B 164 -23.25 -11.93 3.28
CA VAL B 164 -22.73 -12.37 1.99
C VAL B 164 -23.12 -13.81 1.67
N SER B 165 -23.40 -14.63 2.68
CA SER B 165 -23.94 -15.97 2.41
C SER B 165 -25.29 -15.89 1.70
N TRP B 166 -26.11 -14.93 2.11
CA TRP B 166 -27.44 -14.75 1.54
C TRP B 166 -27.28 -14.20 0.11
N PHE B 167 -26.32 -13.32 -0.09
CA PHE B 167 -26.03 -12.81 -1.42
C PHE B 167 -25.61 -13.94 -2.35
N VAL B 168 -24.81 -14.89 -1.85
CA VAL B 168 -24.40 -15.99 -2.73
C VAL B 168 -25.61 -16.76 -3.22
N LYS B 169 -26.55 -17.05 -2.33
CA LYS B 169 -27.76 -17.77 -2.74
C LYS B 169 -28.55 -16.95 -3.75
N GLN B 170 -28.75 -15.66 -3.50
CA GLN B 170 -29.50 -14.86 -4.46
C GLN B 170 -28.75 -14.78 -5.80
N ALA B 171 -27.43 -14.73 -5.76
CA ALA B 171 -26.64 -14.60 -6.97
C ALA B 171 -26.76 -15.88 -7.79
N LEU B 172 -26.77 -17.01 -7.11
CA LEU B 172 -26.90 -18.29 -7.80
C LEU B 172 -28.27 -18.38 -8.48
N VAL B 173 -29.32 -17.94 -7.78
CA VAL B 173 -30.66 -17.89 -8.37
C VAL B 173 -30.70 -17.00 -9.61
N ASN B 174 -30.10 -15.80 -9.52
CA ASN B 174 -30.05 -14.87 -10.63
C ASN B 174 -29.26 -15.43 -11.80
N LEU B 175 -28.11 -16.05 -11.52
CA LEU B 175 -27.29 -16.64 -12.57
C LEU B 175 -28.06 -17.73 -13.28
N ALA B 176 -28.74 -18.56 -12.51
CA ALA B 176 -29.49 -19.67 -13.10
C ALA B 176 -30.55 -19.12 -14.04
N ALA B 177 -31.24 -18.07 -13.61
CA ALA B 177 -32.26 -17.43 -14.44
C ALA B 177 -31.66 -16.86 -15.72
N ASP B 178 -30.54 -16.15 -15.59
CA ASP B 178 -29.92 -15.53 -16.74
C ASP B 178 -29.30 -16.54 -17.68
N LEU B 179 -28.80 -17.66 -17.16
CA LEU B 179 -28.14 -18.68 -17.98
C LEU B 179 -29.13 -19.76 -18.44
N GLY B 180 -30.40 -19.57 -18.13
CA GLY B 180 -31.44 -20.49 -18.60
C GLY B 180 -31.43 -21.85 -17.93
N VAL B 181 -30.88 -21.93 -16.73
CA VAL B 181 -30.81 -23.19 -16.01
C VAL B 181 -32.13 -23.48 -15.31
N THR B 182 -32.73 -24.61 -15.67
CA THR B 182 -34.08 -24.93 -15.22
C THR B 182 -34.11 -25.62 -13.86
N GLY B 183 -35.28 -25.57 -13.24
CA GLY B 183 -35.51 -26.25 -11.98
C GLY B 183 -36.06 -25.32 -10.93
N GLU B 184 -36.70 -25.89 -9.93
CA GLU B 184 -37.16 -25.10 -8.80
C GLU B 184 -35.95 -24.65 -7.98
N GLU B 185 -36.10 -23.51 -7.34
CA GLU B 185 -35.08 -22.98 -6.45
C GLU B 185 -34.65 -24.03 -5.40
N PRO B 186 -33.34 -24.16 -5.15
CA PRO B 186 -32.87 -25.12 -4.15
C PRO B 186 -33.46 -24.89 -2.78
N THR B 187 -33.71 -25.97 -2.04
CA THR B 187 -34.22 -25.87 -0.69
C THR B 187 -33.37 -26.63 0.33
N THR B 188 -32.30 -27.27 -0.15
CA THR B 188 -31.36 -28.00 0.71
C THR B 188 -29.93 -27.62 0.32
N ARG B 189 -29.02 -27.83 1.25
CA ARG B 189 -27.61 -27.57 1.03
C ARG B 189 -27.11 -28.30 -0.21
N GLU B 190 -27.49 -29.57 -0.36
CA GLU B 190 -26.98 -30.34 -1.48
C GLU B 190 -27.47 -29.77 -2.82
N GLU B 191 -28.70 -29.28 -2.84
CA GLU B 191 -29.25 -28.67 -4.05
C GLU B 191 -28.54 -27.37 -4.38
N TRP B 192 -28.19 -26.60 -3.36
CA TRP B 192 -27.47 -25.34 -3.59
C TRP B 192 -26.09 -25.65 -4.14
N ALA B 193 -25.45 -26.65 -3.56
CA ALA B 193 -24.11 -27.03 -4.00
C ALA B 193 -24.16 -27.55 -5.43
N ARG B 194 -25.18 -28.34 -5.76
CA ARG B 194 -25.26 -28.85 -7.13
C ARG B 194 -25.61 -27.76 -8.13
N LEU B 195 -26.36 -26.75 -7.71
CA LEU B 195 -26.66 -25.62 -8.58
C LEU B 195 -25.38 -24.86 -8.90
N ALA B 196 -24.56 -24.60 -7.89
CA ALA B 196 -23.30 -23.92 -8.12
C ALA B 196 -22.44 -24.73 -9.09
N MHO B 197 -22.41 -26.04 -8.88
CA MHO B 197 -21.64 -26.93 -9.75
CB MHO B 197 -21.72 -28.34 -9.17
CG MHO B 197 -20.89 -29.35 -9.97
SD MHO B 197 -20.96 -30.89 -9.20
CE MHO B 197 -22.44 -31.45 -9.83
C MHO B 197 -22.16 -26.88 -11.16
O MHO B 197 -21.38 -26.73 -12.13
OD1 MHO B 197 -19.82 -31.73 -9.65
HA MHO B 197 -20.59 -26.62 -9.76
HB2 MHO B 197 -22.76 -28.67 -9.16
HB3 MHO B 197 -21.36 -28.33 -8.14
HG2 MHO B 197 -19.85 -29.01 -10.03
HG3 MHO B 197 -21.28 -29.43 -10.99
HE1 MHO B 197 -22.66 -32.41 -9.45
HE2 MHO B 197 -22.39 -31.49 -10.89
HE3 MHO B 197 -23.22 -30.77 -9.54
N ASP B 198 -23.48 -26.96 -11.32
CA ASP B 198 -24.06 -27.03 -12.66
C ASP B 198 -23.94 -25.71 -13.39
N LEU B 199 -23.88 -24.60 -12.66
CA LEU B 199 -23.65 -23.31 -13.29
C LEU B 199 -22.20 -23.07 -13.71
N GLY B 200 -21.29 -23.91 -13.20
CA GLY B 200 -19.88 -23.79 -13.53
C GLY B 200 -19.22 -22.68 -12.73
N VAL B 201 -19.69 -22.47 -11.51
CA VAL B 201 -19.07 -21.48 -10.64
C VAL B 201 -17.77 -22.04 -10.07
N LYS B 202 -16.65 -21.55 -10.59
CA LYS B 202 -15.36 -22.02 -10.17
C LYS B 202 -14.97 -21.48 -8.80
N GLY B 203 -15.36 -20.23 -8.55
CA GLY B 203 -15.02 -19.60 -7.29
C GLY B 203 -15.81 -18.34 -7.04
N ILE B 204 -15.60 -17.80 -5.84
CA ILE B 204 -16.30 -16.63 -5.34
C ILE B 204 -15.33 -15.74 -4.60
N HIS B 205 -15.25 -14.46 -4.97
CA HIS B 205 -14.63 -13.47 -4.08
C HIS B 205 -15.69 -12.76 -3.27
N ILE B 206 -15.42 -12.56 -1.98
CA ILE B 206 -16.14 -11.57 -1.20
C ILE B 206 -15.44 -10.26 -1.56
N ALA B 207 -16.06 -9.54 -2.50
CA ALA B 207 -15.41 -8.45 -3.21
C ALA B 207 -15.93 -7.12 -2.70
N GLU B 208 -15.06 -6.42 -1.98
CA GLU B 208 -15.44 -5.24 -1.22
C GLU B 208 -14.52 -4.07 -1.49
N ARG B 209 -15.14 -2.90 -1.65
CA ARG B 209 -14.41 -1.65 -1.77
C ARG B 209 -15.10 -0.60 -0.93
N ASP B 210 -14.36 -0.12 0.08
CA ASP B 210 -14.84 0.90 1.00
C ASP B 210 -14.24 2.23 0.54
N THR B 211 -15.07 3.18 0.11
CA THR B 211 -14.59 4.46 -0.39
C THR B 211 -14.84 5.60 0.59
N GLN B 212 -15.26 5.28 1.80
CA GLN B 212 -15.51 6.31 2.80
C GLN B 212 -14.21 7.05 3.10
N ARG B 213 -14.31 8.38 3.09
CA ARG B 213 -13.16 9.28 3.22
C ARG B 213 -13.42 10.17 4.40
N ALA B 214 -12.37 10.43 5.17
CA ALA B 214 -12.49 11.26 6.33
C ALA B 214 -12.31 12.72 5.96
N SER B 215 -12.75 13.58 6.86
CA SER B 215 -12.62 15.02 6.73
C SER B 215 -11.24 15.53 7.19
N PHE B 216 -10.45 14.63 7.76
CA PHE B 216 -9.10 14.96 8.19
C PHE B 216 -8.12 13.98 7.55
N PRO B 217 -6.88 14.41 7.35
CA PRO B 217 -5.89 13.51 6.74
C PRO B 217 -5.43 12.46 7.73
N LYS B 218 -4.96 11.33 7.22
CA LYS B 218 -4.56 10.27 8.12
C LYS B 218 -3.43 10.73 9.00
N PRO B 219 -3.59 10.57 10.32
CA PRO B 219 -2.48 10.99 11.16
C PRO B 219 -1.39 9.94 11.22
N PHE B 220 -0.17 10.40 11.32
CA PHE B 220 0.97 9.53 11.49
C PHE B 220 0.82 8.71 12.76
N ASP B 221 1.14 7.43 12.68
CA ASP B 221 1.16 6.53 13.84
C ASP B 221 -0.22 6.38 14.46
N VAL B 222 -1.24 6.43 13.61
CA VAL B 222 -2.62 6.18 14.02
C VAL B 222 -3.22 5.23 12.99
N PHE B 223 -3.69 4.06 13.42
CA PHE B 223 -4.44 3.18 12.54
C PHE B 223 -5.88 3.69 12.42
N VAL B 224 -6.34 3.91 11.20
CA VAL B 224 -7.69 4.42 10.92
C VAL B 224 -8.49 3.37 10.16
N ASN B 225 -9.75 3.18 10.55
CA ASN B 225 -10.61 2.21 9.87
C ASN B 225 -12.05 2.65 10.03
N THR B 226 -12.96 2.04 9.28
CA THR B 226 -14.39 2.37 9.38
C THR B 226 -15.15 1.43 10.31
N TRP B 227 -14.42 0.47 10.87
CA TRP B 227 -14.95 -0.48 11.86
C TRP B 227 -13.76 -0.92 12.72
N SER B 228 -13.98 -1.84 13.67
CA SER B 228 -12.93 -2.24 14.60
C SER B 228 -11.52 -2.19 14.06
N VAL B 229 -10.66 -1.38 14.68
CA VAL B 229 -9.26 -1.45 14.37
C VAL B 229 -8.70 -2.72 15.00
N GLU B 230 -9.04 -2.99 16.26
CA GLU B 230 -8.47 -4.15 16.93
C GLU B 230 -8.86 -5.43 16.19
N GLY B 231 -10.13 -5.51 15.77
CA GLY B 231 -10.63 -6.66 15.06
C GLY B 231 -10.02 -6.84 13.67
N PHE B 232 -9.86 -5.74 12.95
CA PHE B 232 -9.25 -5.81 11.62
C PHE B 232 -7.79 -6.23 11.74
N VAL B 233 -7.07 -5.67 12.69
CA VAL B 233 -5.68 -6.08 12.90
C VAL B 233 -5.57 -7.56 13.27
N SER B 234 -6.46 -8.02 14.14
CA SER B 234 -6.49 -9.43 14.53
C SER B 234 -6.64 -10.35 13.32
N GLU B 235 -7.67 -10.12 12.52
CA GLU B 235 -7.85 -10.95 11.35
C GLU B 235 -6.76 -10.71 10.31
N GLY B 236 -6.25 -9.49 10.22
CA GLY B 236 -5.21 -9.19 9.27
C GLY B 236 -3.90 -9.87 9.53
N LEU B 237 -3.63 -10.19 10.80
CA LEU B 237 -2.39 -10.87 11.19
C LEU B 237 -2.55 -12.38 11.29
N GLN B 238 -3.78 -12.86 11.19
CA GLN B 238 -4.04 -14.28 11.02
C GLN B 238 -3.53 -14.68 9.64
N PRO B 239 -3.31 -15.98 9.44
CA PRO B 239 -2.88 -16.42 8.10
C PRO B 239 -3.86 -16.03 7.02
N ALA B 240 -3.35 -15.70 5.86
CA ALA B 240 -4.22 -15.63 4.70
C ALA B 240 -4.93 -16.97 4.53
N GLU B 241 -6.20 -16.92 4.16
CA GLU B 241 -7.01 -18.12 4.21
C GLU B 241 -8.08 -18.10 3.14
N LEU B 242 -8.36 -19.25 2.56
CA LEU B 242 -9.37 -19.34 1.52
C LEU B 242 -10.03 -20.70 1.48
N GLY B 243 -11.30 -20.71 1.14
CA GLY B 243 -11.98 -21.93 0.70
C GLY B 243 -11.34 -22.30 -0.63
N TRP B 244 -11.05 -23.58 -0.82
CA TRP B 244 -10.18 -24.03 -1.88
C TRP B 244 -10.95 -24.86 -2.91
N GLY B 245 -11.06 -24.32 -4.12
CA GLY B 245 -11.88 -24.91 -5.15
C GLY B 245 -11.26 -26.14 -5.78
N THR B 246 -12.14 -27.06 -6.16
CA THR B 246 -11.72 -28.26 -6.87
C THR B 246 -11.09 -27.92 -8.23
N PHE B 247 -11.39 -26.76 -8.80
CA PHE B 247 -10.83 -26.45 -10.12
C PHE B 247 -9.38 -25.95 -10.05
N GLU B 248 -8.92 -25.58 -8.87
CA GLU B 248 -7.57 -25.01 -8.72
C GLU B 248 -6.51 -26.05 -9.05
N ARG B 249 -5.50 -25.62 -9.79
CA ARG B 249 -4.41 -26.52 -10.20
C ARG B 249 -3.03 -26.03 -9.76
N TRP B 250 -2.99 -25.06 -8.86
CA TRP B 250 -1.74 -24.53 -8.31
C TRP B 250 -1.99 -23.96 -6.93
N MET B 251 -1.03 -24.12 -6.04
CA MET B 251 -1.03 -23.35 -4.81
C MET B 251 0.38 -22.90 -4.51
N PRO B 252 0.51 -21.80 -3.77
CA PRO B 252 1.86 -21.31 -3.52
C PRO B 252 2.61 -22.25 -2.61
N ASP B 253 3.93 -22.13 -2.63
CA ASP B 253 4.77 -23.00 -1.85
C ASP B 253 4.42 -22.95 -0.37
N ASN B 254 4.00 -21.79 0.12
CA ASN B 254 3.74 -21.68 1.56
C ASN B 254 2.26 -21.86 1.88
N ALA B 255 1.52 -22.52 0.99
CA ALA B 255 0.16 -22.96 1.30
C ALA B 255 0.15 -24.29 2.05
N ARG B 256 -0.78 -24.41 2.98
CA ARG B 256 -0.91 -25.60 3.80
C ARG B 256 -2.39 -25.95 3.92
N GLY B 257 -2.67 -27.24 4.08
CA GLY B 257 -4.02 -27.71 4.26
C GLY B 257 -4.28 -28.07 5.72
N HIS B 258 -5.34 -28.85 5.94
CA HIS B 258 -5.72 -29.29 7.26
C HIS B 258 -5.87 -30.80 7.26
N ASP B 259 -5.35 -31.43 8.30
CA ASP B 259 -5.47 -32.88 8.47
C ASP B 259 -6.90 -33.29 8.84
N SER B 260 -7.63 -32.43 9.55
CA SER B 260 -8.98 -32.78 9.98
C SER B 260 -9.99 -31.69 9.61
N GLY B 261 -11.25 -31.91 9.94
CA GLY B 261 -12.29 -30.93 9.69
C GLY B 261 -13.03 -31.10 8.37
N CYS B 262 -13.78 -30.08 7.98
CA CYS B 262 -14.67 -30.17 6.83
C CYS B 262 -13.91 -30.32 5.51
N GLY B 263 -12.63 -29.96 5.51
CA GLY B 263 -11.77 -30.18 4.35
C GLY B 263 -11.82 -29.08 3.28
N ALA B 264 -12.50 -27.99 3.57
CA ALA B 264 -12.83 -27.02 2.53
C ALA B 264 -11.78 -25.93 2.32
N GLY B 265 -10.74 -25.89 3.13
CA GLY B 265 -9.86 -24.71 3.14
C GLY B 265 -8.38 -24.96 3.09
N ILE B 266 -7.63 -23.94 2.67
CA ILE B 266 -6.18 -23.90 2.82
C ILE B 266 -5.84 -22.57 3.47
N TYR B 267 -4.61 -22.46 3.94
CA TYR B 267 -4.13 -21.19 4.45
C TYR B 267 -2.71 -21.00 3.98
N LEU B 268 -2.26 -19.75 4.01
CA LEU B 268 -0.90 -19.41 3.65
C LEU B 268 -0.13 -18.99 4.88
N LEU B 269 1.16 -19.33 4.91
CA LEU B 269 2.04 -18.97 6.02
C LEU B 269 2.53 -17.51 5.93
N GLN B 270 1.56 -16.60 5.88
CA GLN B 270 1.85 -15.18 5.81
C GLN B 270 0.58 -14.45 6.23
N PRO B 271 0.70 -13.23 6.76
CA PRO B 271 -0.49 -12.51 7.20
C PRO B 271 -1.41 -12.08 6.06
N GLY B 272 -2.72 -12.26 6.24
CA GLY B 272 -3.66 -11.99 5.18
C GLY B 272 -3.74 -10.52 4.80
N ALA B 273 -3.56 -9.61 5.75
CA ALA B 273 -3.65 -8.19 5.40
C ALA B 273 -2.39 -7.67 4.72
N ASN B 274 -1.36 -8.51 4.58
CA ASN B 274 -0.20 -8.17 3.77
C ASN B 274 -0.10 -9.12 2.57
N THR B 275 -1.26 -9.64 2.14
CA THR B 275 -1.37 -10.52 1.01
C THR B 275 -2.36 -9.88 0.03
N ARG B 276 -1.94 -9.61 -1.19
CA ARG B 276 -2.85 -8.97 -2.16
C ARG B 276 -3.38 -9.94 -3.20
N VAL B 277 -4.61 -9.68 -3.61
CA VAL B 277 -5.25 -10.43 -4.68
C VAL B 277 -5.86 -9.46 -5.69
N ARG B 278 -5.85 -9.86 -6.94
CA ARG B 278 -6.51 -9.12 -8.01
C ARG B 278 -8.00 -9.43 -8.03
N SER B 279 -8.80 -8.38 -7.95
CA SER B 279 -10.23 -8.57 -7.91
C SER B 279 -10.91 -7.37 -8.56
N TRP B 280 -12.21 -7.26 -8.32
CA TRP B 280 -13.05 -6.35 -9.10
C TRP B 280 -14.32 -6.07 -8.33
N THR B 281 -14.74 -4.80 -8.30
CA THR B 281 -16.11 -4.45 -7.90
C THR B 281 -16.66 -3.47 -8.92
N PRO B 282 -17.98 -3.23 -8.91
CA PRO B 282 -18.52 -2.34 -9.95
C PRO B 282 -17.97 -0.92 -9.93
N THR B 283 -17.81 -0.34 -8.74
CA THR B 283 -17.35 1.04 -8.65
C THR B 283 -15.84 1.14 -8.74
N ALA B 284 -15.14 0.18 -8.16
CA ALA B 284 -13.68 0.14 -8.22
C ALA B 284 -13.15 -0.30 -9.59
N MET B 285 -13.96 -1.10 -10.29
N MET B 285 -13.95 -1.07 -10.31
CA MET B 285 -13.51 -1.93 -11.39
CA MET B 285 -13.47 -1.86 -11.43
C MET B 285 -12.29 -2.69 -10.87
C MET B 285 -12.31 -2.71 -10.90
N ALA B 286 -11.28 -2.94 -11.70
CA ALA B 286 -10.14 -3.75 -11.26
C ALA B 286 -9.43 -3.11 -10.06
N GLN B 287 -9.15 -3.89 -9.02
CA GLN B 287 -8.47 -3.38 -7.83
C GLN B 287 -7.70 -4.49 -7.16
N TYR B 288 -6.77 -4.10 -6.30
CA TYR B 288 -6.24 -5.03 -5.31
C TYR B 288 -7.19 -5.15 -4.14
N GLY B 289 -7.38 -6.37 -3.69
CA GLY B 289 -7.96 -6.65 -2.39
C GLY B 289 -6.91 -7.29 -1.51
N PHE B 290 -7.14 -7.30 -0.21
CA PHE B 290 -6.29 -8.07 0.70
C PHE B 290 -6.99 -9.39 1.03
N LEU B 291 -6.19 -10.46 1.07
CA LEU B 291 -6.69 -11.80 1.29
C LEU B 291 -6.78 -12.07 2.79
N VAL B 292 -7.61 -11.28 3.45
CA VAL B 292 -7.82 -11.40 4.88
C VAL B 292 -8.71 -12.60 5.17
N THR B 293 -8.31 -13.41 6.13
CA THR B 293 -9.12 -14.57 6.48
C THR B 293 -10.49 -14.15 7.01
N HIS B 294 -11.50 -14.93 6.64
CA HIS B 294 -12.85 -14.70 7.06
C HIS B 294 -13.57 -16.03 7.23
N ASN B 295 -14.48 -16.10 8.18
CA ASN B 295 -15.26 -17.33 8.38
C ASN B 295 -15.95 -17.84 7.11
N GLU B 296 -16.53 -16.91 6.34
CA GLU B 296 -17.36 -17.31 5.18
C GLU B 296 -16.50 -17.84 4.03
N SER B 297 -15.21 -17.50 4.02
CA SER B 297 -14.33 -18.12 3.02
C SER B 297 -14.38 -19.63 3.13
N ILE B 298 -14.42 -20.11 4.37
CA ILE B 298 -14.55 -21.54 4.63
C ILE B 298 -16.02 -21.97 4.59
N SER B 299 -16.93 -21.23 5.23
CA SER B 299 -18.31 -21.73 5.37
C SER B 299 -19.04 -21.81 4.03
N ILE B 300 -18.81 -20.85 3.14
CA ILE B 300 -19.46 -20.87 1.84
C ILE B 300 -18.90 -21.99 0.99
N ALA B 301 -17.58 -22.16 0.96
CA ALA B 301 -16.97 -23.24 0.18
C ALA B 301 -17.45 -24.60 0.71
N ASP B 302 -17.53 -24.74 2.04
CA ASP B 302 -18.04 -25.95 2.65
C ASP B 302 -19.50 -26.19 2.26
N PHE B 303 -20.32 -25.15 2.39
CA PHE B 303 -21.76 -25.25 2.09
C PHE B 303 -22.01 -25.70 0.64
N LEU B 304 -21.19 -25.22 -0.29
CA LEU B 304 -21.37 -25.51 -1.71
C LEU B 304 -20.53 -26.69 -2.20
N THR B 305 -20.13 -27.56 -1.27
CA THR B 305 -19.39 -28.76 -1.64
C THR B 305 -20.33 -29.90 -2.02
N VAL B 306 -20.05 -30.51 -3.16
CA VAL B 306 -20.71 -31.75 -3.61
C VAL B 306 -19.76 -32.90 -3.39
N ARG B 307 -20.23 -33.92 -2.68
CA ARG B 307 -19.43 -35.12 -2.43
C ARG B 307 -20.02 -36.32 -3.16
N ASP B 308 -19.16 -37.29 -3.46
CA ASP B 308 -19.65 -38.55 -4.04
C ASP B 308 -20.01 -39.47 -2.88
N ALA B 309 -20.45 -40.69 -3.19
CA ALA B 309 -20.91 -41.63 -2.14
C ALA B 309 -19.82 -41.98 -1.14
N ALA B 310 -18.56 -41.86 -1.57
CA ALA B 310 -17.43 -42.21 -0.73
C ALA B 310 -17.03 -41.06 0.19
N GLY B 311 -17.70 -39.92 0.05
CA GLY B 311 -17.41 -38.76 0.86
C GLY B 311 -16.34 -37.83 0.30
N GLN B 312 -15.85 -38.12 -0.91
CA GLN B 312 -14.84 -37.27 -1.55
C GLN B 312 -15.50 -36.09 -2.25
N ALA B 313 -14.88 -34.91 -2.17
CA ALA B 313 -15.43 -33.75 -2.83
C ALA B 313 -15.27 -33.93 -4.33
N VAL B 314 -16.35 -33.78 -5.09
CA VAL B 314 -16.24 -33.78 -6.52
C VAL B 314 -16.31 -32.34 -7.02
N TYR B 315 -16.94 -31.46 -6.24
CA TYR B 315 -16.99 -30.04 -6.58
C TYR B 315 -16.96 -29.22 -5.31
N ARG B 316 -16.25 -28.10 -5.38
CA ARG B 316 -16.23 -27.11 -4.32
C ARG B 316 -15.75 -25.84 -4.98
N PRO B 317 -16.36 -24.67 -4.68
CA PRO B 317 -15.84 -23.40 -5.21
C PRO B 317 -14.69 -22.87 -4.36
N THR B 318 -13.75 -22.17 -4.97
CA THR B 318 -12.82 -21.36 -4.23
C THR B 318 -13.66 -20.25 -3.61
N CYS B 319 -13.28 -19.79 -2.42
CA CYS B 319 -13.97 -18.66 -1.82
C CYS B 319 -13.06 -17.90 -0.90
N HIS B 320 -12.89 -16.60 -1.12
CA HIS B 320 -12.11 -15.82 -0.17
C HIS B 320 -12.42 -14.37 -0.27
N TYR B 321 -11.96 -13.64 0.73
CA TYR B 321 -12.07 -12.21 0.81
C TYR B 321 -11.07 -11.55 -0.13
N ALA B 322 -11.50 -10.45 -0.73
CA ALA B 322 -10.67 -9.61 -1.57
C ALA B 322 -11.04 -8.19 -1.17
N TYR B 323 -10.46 -7.77 -0.06
CA TYR B 323 -10.90 -6.56 0.65
C TYR B 323 -10.09 -5.34 0.29
N HIS B 324 -10.72 -4.31 -0.26
CA HIS B 324 -10.09 -2.98 -0.36
C HIS B 324 -10.76 -2.10 0.65
N PRO B 325 -10.11 -1.91 1.81
CA PRO B 325 -10.72 -1.06 2.83
C PRO B 325 -10.60 0.41 2.47
N CYS B 326 -11.03 1.28 3.36
CA CYS B 326 -10.97 2.70 3.06
C CYS B 326 -9.51 3.12 2.88
N ASN B 327 -9.31 4.19 2.12
CA ASN B 327 -7.96 4.65 1.83
C ASN B 327 -7.11 4.80 3.08
N ASP B 328 -7.66 5.36 4.14
CA ASP B 328 -6.86 5.54 5.35
C ASP B 328 -6.48 4.22 6.00
N ALA B 329 -7.31 3.18 5.82
CA ALA B 329 -6.98 1.85 6.28
C ALA B 329 -5.89 1.21 5.40
N VAL B 330 -5.94 1.43 4.08
CA VAL B 330 -4.86 0.98 3.20
C VAL B 330 -3.54 1.59 3.67
N LEU B 331 -3.53 2.90 3.96
CA LEU B 331 -2.31 3.52 4.47
C LEU B 331 -1.91 2.97 5.82
N SER B 332 -2.91 2.66 6.65
CA SER B 332 -2.66 2.12 7.99
C SER B 332 -1.97 0.77 7.92
N LEU B 333 -2.36 -0.06 6.96
CA LEU B 333 -1.72 -1.37 6.81
C LEU B 333 -0.30 -1.22 6.31
N HIS B 334 -0.09 -0.33 5.35
CA HIS B 334 1.26 -0.03 4.86
C HIS B 334 2.19 0.42 6.01
N GLU B 335 1.64 1.24 6.90
CA GLU B 335 2.36 1.74 8.06
C GLU B 335 2.65 0.63 9.08
N MET B 336 1.63 -0.14 9.41
CA MET B 336 1.77 -1.21 10.40
C MET B 336 2.75 -2.26 9.91
N PHE B 337 2.56 -2.75 8.69
CA PHE B 337 3.44 -3.82 8.22
C PHE B 337 4.86 -3.29 7.96
N GLY B 338 4.97 -2.04 7.52
CA GLY B 338 6.28 -1.43 7.29
C GLY B 338 7.06 -1.20 8.57
N SER B 339 6.33 -0.94 9.66
CA SER B 339 6.96 -0.69 10.95
C SER B 339 7.24 -1.99 11.70
N GLY B 340 6.49 -3.03 11.36
CA GLY B 340 6.57 -4.29 12.07
C GLY B 340 5.82 -4.27 13.39
N LYS B 341 5.04 -3.23 13.63
CA LYS B 341 4.31 -3.16 14.89
C LYS B 341 3.08 -2.30 14.75
N ARG B 342 2.12 -2.55 15.64
CA ARG B 342 0.90 -1.79 15.68
C ARG B 342 1.18 -0.32 16.03
N GLN B 343 0.44 0.59 15.39
CA GLN B 343 0.48 2.00 15.75
C GLN B 343 0.17 2.26 17.22
N SER B 344 0.68 3.37 17.73
CA SER B 344 0.49 3.65 19.16
CA SER B 344 0.50 3.78 19.13
C SER B 344 -0.94 4.12 19.46
N ASP B 345 -1.70 4.47 18.44
CA ASP B 345 -3.08 4.93 18.62
C ASP B 345 -3.92 4.45 17.44
N TRP B 346 -5.24 4.53 17.59
CA TRP B 346 -6.14 4.23 16.51
C TRP B 346 -7.45 4.98 16.63
N ARG B 347 -8.17 5.02 15.53
CA ARG B 347 -9.49 5.62 15.54
C ARG B 347 -10.36 5.01 14.47
N ILE B 348 -11.64 4.94 14.81
CA ILE B 348 -12.68 4.51 13.90
C ILE B 348 -13.45 5.73 13.45
N LEU B 349 -13.55 5.89 12.15
CA LEU B 349 -14.25 7.01 11.56
C LEU B 349 -15.74 6.98 11.88
N ASP B 350 -16.20 8.10 12.45
CA ASP B 350 -17.59 8.35 12.80
C ASP B 350 -18.32 8.89 11.58
N GLU B 351 -19.64 8.74 11.51
CA GLU B 351 -20.34 9.25 10.33
C GLU B 351 -20.10 10.77 10.21
N THR B 352 -19.98 11.47 11.33
CA THR B 352 -19.73 12.92 11.28
C THR B 352 -18.36 13.31 10.73
N GLU B 353 -17.45 12.35 10.64
CA GLU B 353 -16.10 12.57 10.14
C GLU B 353 -15.93 12.15 8.68
N ILE B 354 -16.96 11.54 8.11
CA ILE B 354 -16.88 11.00 6.76
C ILE B 354 -17.49 12.00 5.73
N VAL B 355 -16.66 12.46 4.80
N VAL B 355 -16.69 12.42 4.76
CA VAL B 355 -17.11 13.40 3.79
CA VAL B 355 -17.14 13.45 3.80
C VAL B 355 -18.15 12.75 2.91
C VAL B 355 -17.94 12.89 2.62
N ASP B 356 -17.77 11.60 2.35
CA ASP B 356 -18.55 10.94 1.31
C ASP B 356 -18.09 9.50 1.26
N GLY B 357 -18.68 8.73 0.34
CA GLY B 357 -18.24 7.37 0.08
C GLY B 357 -19.27 6.30 0.35
N ILE B 358 -18.92 5.07 -0.04
CA ILE B 358 -19.81 3.92 0.06
C ILE B 358 -19.04 2.75 0.61
N ASP B 359 -19.77 1.75 1.08
CA ASP B 359 -19.13 0.46 1.34
C ASP B 359 -19.75 -0.51 0.35
N GLU B 360 -19.03 -0.72 -0.74
CA GLU B 360 -19.50 -1.59 -1.82
C GLU B 360 -19.10 -2.99 -1.48
N LEU B 361 -20.07 -3.81 -1.13
CA LEU B 361 -19.80 -5.13 -0.56
C LEU B 361 -20.69 -6.15 -1.24
N GLY B 362 -20.08 -7.07 -1.96
CA GLY B 362 -20.84 -8.07 -2.68
C GLY B 362 -20.04 -9.33 -2.89
N VAL B 363 -20.64 -10.24 -3.64
CA VAL B 363 -20.00 -11.51 -3.96
C VAL B 363 -19.79 -11.58 -5.45
N LEU B 364 -18.60 -12.00 -5.85
CA LEU B 364 -18.19 -12.05 -7.23
C LEU B 364 -18.06 -13.50 -7.60
N LEU B 365 -19.07 -14.01 -8.30
CA LEU B 365 -19.12 -15.39 -8.74
C LEU B 365 -18.52 -15.48 -10.14
N TYR B 366 -17.53 -16.35 -10.32
CA TYR B 366 -16.78 -16.38 -11.55
C TYR B 366 -16.59 -17.78 -12.09
N GLY B 367 -16.32 -17.86 -13.38
CA GLY B 367 -15.96 -19.13 -14.00
C GLY B 367 -17.07 -19.70 -14.84
N HIS B 368 -18.26 -19.11 -14.70
CA HIS B 368 -19.47 -19.55 -15.38
C HIS B 368 -19.56 -18.96 -16.78
N GLY B 369 -20.66 -19.25 -17.47
CA GLY B 369 -20.84 -18.87 -18.86
C GLY B 369 -20.85 -17.39 -19.16
N LYS B 370 -21.10 -16.55 -18.14
CA LYS B 370 -21.03 -15.10 -18.35
C LYS B 370 -19.83 -14.49 -17.62
N ASN B 371 -18.83 -15.34 -17.39
CA ASN B 371 -17.53 -14.99 -16.85
C ASN B 371 -17.56 -14.60 -15.38
N ALA B 372 -18.12 -13.44 -15.06
CA ALA B 372 -18.15 -12.99 -13.68
C ALA B 372 -19.37 -12.15 -13.42
N TYR B 373 -19.91 -12.32 -12.22
CA TYR B 373 -21.14 -11.66 -11.75
C TYR B 373 -20.96 -11.21 -10.33
N TRP B 374 -21.10 -9.90 -10.10
CA TRP B 374 -21.02 -9.31 -8.78
C TRP B 374 -22.42 -8.97 -8.30
N TYR B 375 -22.77 -9.42 -7.11
CA TYR B 375 -24.05 -9.13 -6.53
C TYR B 375 -23.86 -8.60 -5.13
N GLY B 376 -24.43 -7.43 -4.84
CA GLY B 376 -24.26 -6.87 -3.52
C GLY B 376 -24.75 -5.46 -3.33
N SER B 377 -24.29 -4.89 -2.22
CA SER B 377 -24.76 -3.60 -1.73
C SER B 377 -23.81 -2.46 -2.09
N GLN B 378 -24.38 -1.31 -2.46
CA GLN B 378 -23.59 -0.11 -2.75
C GLN B 378 -23.92 1.04 -1.78
N LEU B 379 -24.27 0.66 -0.55
CA LEU B 379 -24.73 1.62 0.47
C LEU B 379 -23.78 2.80 0.69
N SER B 380 -24.32 4.02 0.55
CA SER B 380 -23.53 5.24 0.77
C SER B 380 -23.67 5.76 2.18
N ILE B 381 -22.72 6.60 2.58
CA ILE B 381 -22.78 7.24 3.88
C ILE B 381 -24.00 8.19 3.92
N GLU B 382 -24.31 8.85 2.81
CA GLU B 382 -25.43 9.80 2.83
C GLU B 382 -26.74 9.07 3.10
N GLU B 383 -26.95 7.94 2.44
CA GLU B 383 -28.17 7.19 2.66
CA GLU B 383 -28.13 7.12 2.64
C GLU B 383 -28.20 6.61 4.08
N THR B 384 -27.07 6.12 4.56
CA THR B 384 -26.97 5.61 5.92
C THR B 384 -27.49 6.62 6.93
N ARG B 385 -27.00 7.85 6.82
CA ARG B 385 -27.39 8.88 7.78
C ARG B 385 -28.88 9.15 7.73
N ARG B 386 -29.51 8.93 6.59
CA ARG B 386 -30.93 9.21 6.45
C ARG B 386 -31.79 8.14 7.13
N ILE B 387 -31.27 6.92 7.25
CA ILE B 387 -32.12 5.81 7.68
C ILE B 387 -31.74 5.12 8.97
N ALA B 388 -30.55 5.37 9.52
CA ALA B 388 -30.18 4.78 10.81
C ALA B 388 -29.11 5.62 11.48
N PRO B 389 -29.23 5.81 12.79
CA PRO B 389 -28.28 6.69 13.46
C PRO B 389 -27.02 5.99 13.93
N ASP B 390 -26.07 6.82 14.37
CA ASP B 390 -24.93 6.37 15.17
C ASP B 390 -24.01 5.38 14.46
N GLN B 391 -23.95 5.43 13.14
CA GLN B 391 -23.06 4.51 12.41
C GLN B 391 -22.77 4.99 11.00
N ASN B 392 -21.68 4.47 10.42
CA ASN B 392 -21.36 4.74 9.04
C ASN B 392 -21.90 3.61 8.15
N ALA B 393 -21.58 3.62 6.86
CA ALA B 393 -22.15 2.64 5.95
C ALA B 393 -21.63 1.24 6.22
N THR B 394 -20.37 1.13 6.64
CA THR B 394 -19.82 -0.16 7.06
C THR B 394 -20.60 -0.74 8.21
N GLY B 395 -20.83 0.10 9.21
CA GLY B 395 -21.56 -0.30 10.39
C GLY B 395 -22.97 -0.77 10.09
N LEU B 396 -23.68 -0.05 9.21
CA LEU B 396 -25.08 -0.35 8.96
C LEU B 396 -25.25 -1.68 8.23
N GLN B 397 -24.34 -2.02 7.32
CA GLN B 397 -24.45 -3.33 6.66
C GLN B 397 -24.33 -4.44 7.70
N VAL B 398 -23.48 -4.23 8.68
CA VAL B 398 -23.27 -5.22 9.73
C VAL B 398 -24.44 -5.24 10.73
N SER B 399 -24.86 -4.08 11.23
CA SER B 399 -25.91 -4.04 12.24
C SER B 399 -27.23 -4.56 11.67
N SER B 400 -27.50 -4.25 10.42
CA SER B 400 -28.76 -4.71 9.82
C SER B 400 -28.75 -6.22 9.63
N ALA B 401 -27.58 -6.79 9.46
CA ALA B 401 -27.44 -8.24 9.32
C ALA B 401 -27.65 -8.91 10.67
N VAL B 402 -27.15 -8.28 11.73
CA VAL B 402 -27.41 -8.78 13.07
C VAL B 402 -28.92 -8.70 13.34
N LEU B 403 -29.54 -7.60 12.93
CA LEU B 403 -31.00 -7.46 13.04
C LEU B 403 -31.69 -8.64 12.36
N ALA B 404 -31.28 -8.94 11.13
CA ALA B 404 -31.91 -10.03 10.38
C ALA B 404 -31.71 -11.38 11.06
N GLY B 405 -30.50 -11.64 11.54
CA GLY B 405 -30.23 -12.84 12.28
C GLY B 405 -31.05 -12.95 13.55
N MET B 406 -31.25 -11.82 14.25
CA MET B 406 -32.08 -11.83 15.46
C MET B 406 -33.53 -12.17 15.13
N VAL B 407 -34.04 -11.60 14.04
CA VAL B 407 -35.41 -11.88 13.61
C VAL B 407 -35.51 -13.37 13.28
N TRP B 408 -34.53 -13.90 12.55
CA TRP B 408 -34.56 -15.32 12.21
C TRP B 408 -34.50 -16.19 13.44
N ALA B 409 -33.63 -15.84 14.40
CA ALA B 409 -33.50 -16.65 15.59
C ALA B 409 -34.79 -16.64 16.43
N LEU B 410 -35.43 -15.48 16.51
CA LEU B 410 -36.65 -15.40 17.29
C LEU B 410 -37.78 -16.20 16.65
N GLU B 411 -37.78 -16.27 15.32
CA GLU B 411 -38.74 -17.06 14.55
C GLU B 411 -38.41 -18.54 14.56
N ASN B 412 -37.14 -18.84 14.82
CA ASN B 412 -36.64 -20.20 14.83
C ASN B 412 -35.71 -20.44 16.03
N PRO B 413 -36.26 -20.41 17.26
CA PRO B 413 -35.46 -20.31 18.48
C PRO B 413 -34.91 -21.62 19.01
N ASN B 414 -35.27 -22.73 18.37
CA ASN B 414 -34.82 -24.05 18.81
C ASN B 414 -34.18 -24.80 17.66
N ALA B 415 -33.32 -24.10 16.93
CA ALA B 415 -32.67 -24.66 15.73
C ALA B 415 -31.21 -25.00 15.96
N GLY B 416 -30.72 -24.86 17.19
CA GLY B 416 -29.35 -25.19 17.51
C GLY B 416 -28.36 -24.19 16.95
N ILE B 417 -27.11 -24.63 16.89
CA ILE B 417 -26.01 -23.81 16.40
C ILE B 417 -26.10 -23.74 14.90
N VAL B 418 -26.17 -22.53 14.36
CA VAL B 418 -26.31 -22.36 12.93
C VAL B 418 -25.37 -21.30 12.39
N GLU B 419 -25.01 -21.43 11.12
N GLU B 419 -25.07 -21.45 11.10
CA GLU B 419 -24.26 -20.39 10.43
CA GLU B 419 -24.27 -20.55 10.30
C GLU B 419 -25.16 -19.64 9.51
C GLU B 419 -25.18 -19.64 9.50
N ALA B 420 -24.64 -18.55 8.96
CA ALA B 420 -25.42 -17.70 8.08
C ALA B 420 -25.92 -18.49 6.87
N ASP B 421 -25.16 -19.52 6.50
CA ASP B 421 -25.48 -20.34 5.35
C ASP B 421 -26.69 -21.20 5.64
N ASP B 422 -27.01 -21.38 6.92
CA ASP B 422 -28.11 -22.24 7.37
C ASP B 422 -29.44 -21.51 7.44
N LEU B 423 -29.40 -20.19 7.43
CA LEU B 423 -30.61 -19.41 7.65
C LEU B 423 -31.42 -19.33 6.36
N ASP B 424 -32.68 -18.95 6.49
CA ASP B 424 -33.55 -18.67 5.35
C ASP B 424 -33.11 -17.36 4.71
N PHE B 425 -32.45 -17.43 3.55
CA PHE B 425 -31.81 -16.23 3.02
C PHE B 425 -32.81 -15.20 2.57
N ARG B 426 -33.98 -15.66 2.12
CA ARG B 426 -34.96 -14.69 1.66
C ARG B 426 -35.54 -13.90 2.82
N ARG B 427 -35.81 -14.57 3.93
CA ARG B 427 -36.35 -13.91 5.11
C ARG B 427 -35.34 -12.92 5.65
N CYS B 428 -34.08 -13.35 5.69
CA CYS B 428 -33.02 -12.47 6.21
C CYS B 428 -32.84 -11.26 5.32
N LEU B 429 -32.82 -11.43 4.01
CA LEU B 429 -32.67 -10.28 3.12
C LEU B 429 -33.92 -9.40 3.13
N GLU B 430 -35.07 -9.98 3.42
CA GLU B 430 -36.32 -9.21 3.52
C GLU B 430 -36.18 -8.17 4.63
N VAL B 431 -35.64 -8.63 5.75
CA VAL B 431 -35.41 -7.78 6.91
C VAL B 431 -34.29 -6.78 6.63
N GLN B 432 -33.22 -7.24 5.99
CA GLN B 432 -32.03 -6.40 5.87
C GLN B 432 -32.10 -5.34 4.78
N THR B 433 -32.82 -5.64 3.70
CA THR B 433 -32.71 -4.85 2.48
C THR B 433 -33.03 -3.35 2.62
N PRO B 434 -33.93 -2.98 3.54
CA PRO B 434 -34.16 -1.54 3.74
C PRO B 434 -32.90 -0.74 4.13
N TYR B 435 -31.87 -1.45 4.57
CA TYR B 435 -30.66 -0.79 5.08
C TYR B 435 -29.46 -0.97 4.16
N LEU B 436 -29.67 -1.51 2.97
CA LEU B 436 -28.54 -1.86 2.10
C LEU B 436 -28.34 -0.94 0.90
N GLY B 437 -29.16 0.10 0.75
CA GLY B 437 -28.96 0.98 -0.38
C GLY B 437 -29.21 0.23 -1.68
N PRO B 438 -28.56 0.65 -2.76
CA PRO B 438 -28.72 -0.09 -4.01
C PRO B 438 -28.17 -1.49 -3.84
N VAL B 439 -28.99 -2.48 -4.20
CA VAL B 439 -28.54 -3.88 -4.22
C VAL B 439 -28.64 -4.31 -5.66
N VAL B 440 -27.50 -4.59 -6.27
CA VAL B 440 -27.42 -4.78 -7.71
C VAL B 440 -26.59 -5.97 -8.12
N GLY B 441 -26.86 -6.47 -9.33
CA GLY B 441 -26.14 -7.58 -9.93
C GLY B 441 -25.51 -7.06 -11.19
N VAL B 442 -24.19 -7.20 -11.33
CA VAL B 442 -23.44 -6.60 -12.43
C VAL B 442 -22.55 -7.67 -13.04
N TYR B 443 -22.67 -7.90 -14.35
CA TYR B 443 -21.74 -8.78 -15.06
C TYR B 443 -20.52 -7.99 -15.51
N THR B 444 -19.38 -8.67 -15.63
CA THR B 444 -18.20 -8.03 -16.18
C THR B 444 -17.40 -9.03 -17.03
N ASP B 445 -16.66 -8.50 -18.01
CA ASP B 445 -15.78 -9.34 -18.79
C ASP B 445 -14.36 -9.29 -18.23
N TRP B 446 -14.17 -8.55 -17.14
CA TRP B 446 -12.86 -8.51 -16.49
C TRP B 446 -12.48 -9.91 -16.02
N THR B 447 -11.20 -10.24 -16.18
CA THR B 447 -10.61 -11.40 -15.50
C THR B 447 -9.26 -11.01 -14.93
N PRO B 448 -8.70 -11.87 -14.05
CA PRO B 448 -7.39 -11.61 -13.46
C PRO B 448 -6.26 -11.53 -14.48
N LEU B 449 -6.50 -11.96 -15.70
CA LEU B 449 -5.51 -11.83 -16.77
C LEU B 449 -5.48 -10.44 -17.43
N ALA B 450 -6.44 -9.57 -17.12
CA ALA B 450 -6.57 -8.31 -17.84
C ALA B 450 -5.25 -7.54 -17.85
N GLY B 451 -4.79 -7.17 -19.05
CA GLY B 451 -3.55 -6.40 -19.19
C GLY B 451 -2.25 -7.17 -19.03
N ARG B 452 -2.35 -8.48 -18.87
CA ARG B 452 -1.19 -9.29 -18.55
C ARG B 452 -0.92 -10.34 -19.62
N PRO B 453 0.34 -10.74 -19.78
CA PRO B 453 1.51 -10.18 -19.08
C PRO B 453 1.87 -8.80 -19.59
N GLY B 454 2.55 -8.03 -18.75
CA GLY B 454 2.96 -6.69 -19.12
C GLY B 454 4.42 -6.69 -19.50
N LEU B 455 5.17 -5.78 -18.90
CA LEU B 455 6.55 -5.57 -19.27
C LEU B 455 7.48 -6.68 -18.78
N PHE B 456 7.02 -7.50 -17.84
CA PHE B 456 7.87 -8.54 -17.24
C PHE B 456 7.21 -9.91 -17.33
N PRO B 457 8.03 -10.97 -17.29
CA PRO B 457 7.45 -12.31 -17.21
C PRO B 457 6.67 -12.50 -15.93
N GLU B 458 5.58 -13.25 -16.01
CA GLU B 458 4.75 -13.49 -14.85
C GLU B 458 4.40 -14.97 -14.81
N ASP B 459 4.21 -15.46 -13.59
CA ASP B 459 3.75 -16.82 -13.36
C ASP B 459 2.22 -16.79 -13.46
N ILE B 460 1.72 -16.95 -14.68
CA ILE B 460 0.30 -16.91 -14.93
C ILE B 460 -0.11 -18.17 -15.67
N ASP B 461 -1.41 -18.39 -15.70
CA ASP B 461 -2.02 -19.53 -16.37
C ASP B 461 -3.16 -18.97 -17.25
N THR B 462 -2.84 -18.66 -18.50
CA THR B 462 -3.86 -18.09 -19.37
C THR B 462 -4.84 -19.13 -19.93
N SER B 463 -4.65 -20.40 -19.60
CA SER B 463 -5.60 -21.44 -20.02
C SER B 463 -6.89 -21.36 -19.21
N ASP B 464 -6.85 -20.63 -18.11
CA ASP B 464 -7.87 -20.70 -17.07
C ASP B 464 -7.78 -19.39 -16.25
N PRO B 465 -8.42 -18.31 -16.74
CA PRO B 465 -8.20 -16.96 -16.20
C PRO B 465 -8.38 -16.82 -14.69
N TRP B 466 -9.30 -17.59 -14.10
CA TRP B 466 -9.68 -17.40 -12.71
C TRP B 466 -8.90 -18.27 -11.72
N GLN B 467 -7.90 -19.01 -12.19
CA GLN B 467 -7.03 -19.75 -11.29
C GLN B 467 -6.46 -18.83 -10.23
N PHE B 468 -6.36 -19.33 -9.00
CA PHE B 468 -5.78 -18.56 -7.91
C PHE B 468 -4.36 -18.11 -8.28
N ARG B 469 -3.66 -18.95 -9.03
CA ARG B 469 -2.35 -18.58 -9.55
C ARG B 469 -2.37 -17.18 -10.14
N ASN B 470 -3.43 -16.86 -10.88
CA ASN B 470 -3.53 -15.57 -11.55
C ASN B 470 -3.99 -14.46 -10.63
N VAL B 471 -4.75 -14.83 -9.61
CA VAL B 471 -5.32 -13.85 -8.68
C VAL B 471 -4.31 -13.37 -7.62
N LEU B 472 -3.56 -14.31 -7.05
CA LEU B 472 -2.59 -13.98 -6.02
C LEU B 472 -1.47 -13.09 -6.55
N VAL B 473 -1.19 -12.03 -5.80
CA VAL B 473 -0.17 -11.07 -6.17
C VAL B 473 1.13 -11.53 -5.52
N ARG B 474 2.10 -11.86 -6.36
N ARG B 474 3.26 -12.14 -7.41
CA ARG B 474 3.36 -12.47 -5.91
CA ARG B 474 3.69 -13.08 -6.37
C ARG B 474 4.54 -11.58 -6.30
C ARG B 474 5.21 -12.99 -6.22
PA NAD C . 7.01 17.39 -14.51
O1A NAD C . 6.39 18.29 -13.51
O2A NAD C . 6.26 16.21 -15.03
O5B NAD C . 7.49 18.28 -15.75
C5B NAD C . 8.02 17.73 -16.93
C4B NAD C . 7.98 18.86 -17.92
O4B NAD C . 8.62 18.40 -19.09
C3B NAD C . 6.55 19.23 -18.29
O3B NAD C . 6.31 20.62 -18.06
C2B NAD C . 6.42 18.83 -19.74
O2B NAD C . 5.53 19.64 -20.53
C1B NAD C . 7.87 18.92 -20.19
N9A NAD C . 8.13 18.19 -21.43
C8A NAD C . 7.49 17.09 -21.87
N7A NAD C . 7.97 16.71 -23.06
C5A NAD C . 8.92 17.60 -23.38
C6A NAD C . 9.82 17.77 -24.49
N6A NAD C . 9.78 16.90 -25.49
N1A NAD C . 10.67 18.82 -24.48
C2A NAD C . 10.70 19.68 -23.47
N3A NAD C . 9.91 19.58 -22.39
C4A NAD C . 9.03 18.57 -22.31
O3 NAD C . 8.42 16.81 -14.00
PN NAD C . 9.41 17.43 -12.90
O1N NAD C . 8.94 17.10 -11.52
O2N NAD C . 9.73 18.87 -13.23
O5D NAD C . 10.68 16.52 -13.26
C5D NAD C . 11.49 16.91 -14.40
C4D NAD C . 12.56 15.87 -14.66
O4D NAD C . 13.39 15.78 -13.52
C3D NAD C . 11.99 14.49 -14.83
O3D NAD C . 12.72 13.79 -15.84
C2D NAD C . 12.22 13.81 -13.49
O2D NAD C . 12.39 12.41 -13.60
C1D NAD C . 13.52 14.46 -13.02
N1N NAD C . 13.67 14.54 -11.57
C2N NAD C . 14.84 14.18 -10.98
C3N NAD C . 14.96 14.27 -9.59
C7N NAD C . 16.23 13.95 -8.85
O7N NAD C . 16.23 14.17 -7.66
N7N NAD C . 17.30 13.52 -9.50
C4N NAD C . 13.89 14.69 -8.82
C5N NAD C . 12.72 15.09 -9.45
C6N NAD C . 12.64 15.00 -10.84
H51A NAD C . 9.04 17.38 -16.77
H52A NAD C . 7.40 16.90 -17.27
H4B NAD C . 8.50 19.74 -17.50
H3B NAD C . 5.85 18.63 -17.69
HO3A NAD C . 5.42 20.85 -18.36
H2B NAD C . 6.10 17.78 -19.79
HO2A NAD C . 4.62 19.52 -20.24
H1B NAD C . 8.11 19.98 -20.33
H8A NAD C . 6.71 16.57 -21.33
H61A NAD C . 10.39 17.00 -26.28
H62A NAD C . 9.12 16.14 -25.46
H2A NAD C . 11.41 20.50 -23.52
H51N NAD C . 11.94 17.87 -14.20
H52N NAD C . 10.85 17.00 -15.27
H4D NAD C . 13.14 16.15 -15.56
H3D NAD C . 10.91 14.54 -15.06
HO3N NAD C . 12.36 12.90 -15.94
H2D NAD C . 11.40 14.06 -12.80
HO2N NAD C . 11.58 12.02 -13.96
H1D NAD C . 14.37 13.95 -13.48
H2N NAD C . 15.68 13.85 -11.59
H71N NAD C . 18.16 13.31 -9.00
H72N NAD C . 17.26 13.36 -10.49
H4N NAD C . 14.00 14.79 -7.75
H5N NAD C . 11.87 15.43 -8.87
H6N NAD C . 11.71 15.25 -11.32
C ACT D . -0.06 8.55 -15.54
O ACT D . -0.49 9.08 -16.60
OXT ACT D . 1.14 8.19 -15.55
CH3 ACT D . -0.94 8.37 -14.35
H1 ACT D . -1.93 8.75 -14.57
H2 ACT D . -0.52 8.92 -13.50
H3 ACT D . -1.00 7.31 -14.10
C ACT E . 17.90 7.53 -26.32
O ACT E . 16.67 7.81 -26.42
OXT ACT E . 18.63 8.39 -25.82
CH3 ACT E . 18.43 6.21 -26.78
H1 ACT E . 19.50 6.17 -26.59
H2 ACT E . 18.24 6.09 -27.85
H3 ACT E . 17.94 5.40 -26.23
C ACT F . -2.48 15.01 12.76
O ACT F . -3.06 14.76 11.67
OXT ACT F . -1.27 14.72 12.82
CH3 ACT F . -3.21 15.61 13.94
H1 ACT F . -4.26 15.77 13.67
H2 ACT F . -2.75 16.55 14.21
H3 ACT F . -3.15 14.92 14.79
S SO4 G . -1.92 2.02 -19.61
O1 SO4 G . -3.32 2.44 -19.67
O2 SO4 G . -1.38 2.37 -18.30
O3 SO4 G . -1.82 0.58 -19.78
O4 SO4 G . -1.15 2.70 -20.64
S SO4 H . 32.43 35.48 -11.80
O1 SO4 H . 32.81 34.74 -10.59
O2 SO4 H . 31.56 36.58 -11.42
O3 SO4 H . 31.72 34.57 -12.70
O4 SO4 H . 33.62 35.98 -12.48
S SO4 I . 32.74 -7.21 -10.97
O1 SO4 I . 32.30 -7.89 -12.19
O2 SO4 I . 31.77 -7.50 -9.90
O3 SO4 I . 34.05 -7.72 -10.57
O4 SO4 I . 32.82 -5.77 -11.24
N1 1PS J . -1.04 17.64 -17.81
C1 1PS J . -1.29 17.98 -16.54
C2 1PS J . -2.10 17.20 -15.74
C3 1PS J . -1.54 16.52 -18.34
C4 1PS J . -2.36 15.68 -17.58
C5 1PS J . -2.65 16.03 -16.27
C6 1PS J . -0.16 18.51 -18.62
C7 1PS J . -0.99 19.58 -19.32
C8 1PS J . -0.16 20.35 -20.34
S1 1PS J . -1.10 21.55 -21.00
O1 1PS J . -0.57 21.97 -22.34
O2 1PS J . -2.46 21.05 -21.20
O3 1PS J . -1.13 22.68 -20.05
H1 1PS J . -0.87 18.90 -16.13
H2 1PS J . -2.31 17.49 -14.72
H3 1PS J . -1.31 16.26 -19.37
H4 1PS J . -2.77 14.79 -18.01
H5 1PS J . -3.28 15.40 -15.66
H61 1PS J . 0.58 18.98 -17.99
H62 1PS J . 0.36 17.91 -19.37
H71 1PS J . -1.84 19.10 -19.82
H72 1PS J . -1.39 20.27 -18.57
H81 1PS J . 0.71 20.78 -19.85
H82 1PS J . 0.18 19.67 -21.13
N AG2 K . 19.68 39.99 -5.79
CA AG2 K . 19.61 39.33 -7.06
CB AG2 K . 20.98 39.31 -7.68
CG AG2 K . 21.00 38.40 -8.91
CD AG2 K . 19.90 38.83 -9.86
NE AG2 K . 20.14 38.34 -11.18
CZ AG2 K . 19.07 38.37 -12.11
NH1 AG2 K . 17.89 38.80 -11.75
NH2 AG2 K . 19.29 37.91 -13.44
HN1 AG2 K . 19.42 39.40 -5.13
HN2 AG2 K . 19.12 40.71 -5.80
HA1 AG2 K . 19.30 38.40 -6.93
HA2 AG2 K . 18.99 39.80 -7.64
HB1 AG2 K . 21.24 40.21 -7.94
HB2 AG2 K . 21.62 38.96 -7.03
HG1 AG2 K . 21.87 38.47 -9.36
HG2 AG2 K . 20.85 37.48 -8.64
HD1 AG2 K . 19.05 38.48 -9.53
HD2 AG2 K . 19.85 39.80 -9.87
HE1 AG2 K . 20.97 38.05 -11.42
HH11 AG2 K . 17.21 38.81 -12.35
HH21 AG2 K . 18.61 37.92 -14.04
HH22 AG2 K . 20.11 37.60 -13.68
PA NAD L . -14.83 -2.03 18.16
O1A NAD L . -13.34 -2.25 18.28
O2A NAD L . -15.40 -0.74 17.70
O5B NAD L . -15.52 -2.35 19.56
C5B NAD L . -15.21 -3.53 20.27
C4B NAD L . -15.74 -3.29 21.66
O4B NAD L . -15.43 -4.47 22.41
C3B NAD L . -15.06 -2.10 22.34
O3B NAD L . -16.01 -1.12 22.76
C2B NAD L . -14.31 -2.77 23.51
O2B NAD L . -14.21 -1.99 24.70
C1B NAD L . -15.11 -4.03 23.71
N9A NAD L . -14.38 -5.05 24.47
C8A NAD L . -13.07 -5.26 24.53
N7A NAD L . -12.77 -6.27 25.38
C5A NAD L . -13.95 -6.68 25.88
C6A NAD L . -14.36 -7.70 26.83
N6A NAD L . -13.40 -8.46 27.38
N1A NAD L . -15.68 -7.82 27.11
C2A NAD L . -16.60 -7.05 26.53
N3A NAD L . -16.29 -6.09 25.64
C4A NAD L . -15.00 -5.88 25.29
O3 NAD L . -15.33 -3.25 17.23
PN NAD L . -16.62 -3.25 16.29
O1N NAD L . -17.86 -2.92 17.08
O2N NAD L . -16.39 -2.53 14.98
O5D NAD L . -16.66 -4.82 15.97
C5D NAD L . -17.20 -5.68 16.98
C4D NAD L . -16.92 -7.12 16.65
O4D NAD L . -17.59 -7.44 15.43
C3D NAD L . -15.46 -7.39 16.39
O3D NAD L . -15.15 -8.69 16.91
C2D NAD L . -15.32 -7.41 14.88
O2D NAD L . -14.30 -8.27 14.41
C1D NAD L . -16.69 -7.96 14.46
N1N NAD L . -17.15 -7.52 13.16
C2N NAD L . -17.72 -8.39 12.31
C3N NAD L . -18.18 -7.95 11.07
C7N NAD L . -18.87 -8.82 10.05
O7N NAD L . -19.34 -8.31 9.05
N7N NAD L . -19.03 -10.10 10.28
C4N NAD L . -18.02 -6.61 10.72
C5N NAD L . -17.49 -5.73 11.61
C6N NAD L . -17.07 -6.21 12.85
H51A NAD L . -15.69 -4.40 19.83
H52A NAD L . -14.13 -3.69 20.30
H4B NAD L . -16.82 -3.13 21.63
H3B NAD L . -14.32 -1.65 21.65
HO3A NAD L . -15.55 -0.41 23.25
H2B NAD L . -13.30 -3.04 23.16
HO2A NAD L . -13.66 -1.22 24.56
H1B NAD L . -16.04 -3.77 24.23
H8A NAD L . -12.34 -4.71 23.95
H61A NAD L . -12.44 -8.32 27.13
H62A NAD L . -13.66 -9.18 28.04
H2A NAD L . -17.64 -7.20 26.80
H51N NAD L . -18.28 -5.52 17.06
H52N NAD L . -16.75 -5.44 17.95
H4D NAD L . -17.28 -7.77 17.46
H3D NAD L . -14.83 -6.61 16.84
HO3N NAD L . -14.22 -8.89 16.74
H2D NAD L . -15.21 -6.39 14.51
HO2N NAD L . -13.44 -7.95 14.72
H1D NAD L . -16.67 -9.06 14.52
H2N NAD L . -17.83 -9.43 12.59
H71N NAD L . -19.51 -10.68 9.60
H72N NAD L . -18.66 -10.51 11.12
H4N NAD L . -18.41 -6.25 9.77
H5N NAD L . -17.37 -4.69 11.37
H6N NAD L . -16.58 -5.53 13.54
C ACT M . 3.73 -25.20 -11.86
O ACT M . 2.52 -25.46 -11.70
OXT ACT M . 4.10 -24.06 -11.54
CH3 ACT M . 4.68 -26.20 -12.43
H1 ACT M . 5.68 -25.76 -12.49
H2 ACT M . 4.36 -26.49 -13.43
H3 ACT M . 4.72 -27.08 -11.79
C ACT N . -12.69 13.56 -5.62
O ACT N . -13.24 12.46 -5.87
OXT ACT N . -12.00 13.60 -4.59
CH3 ACT N . -12.83 14.76 -6.50
H1 ACT N . -13.46 14.51 -7.35
H2 ACT N . -11.84 15.06 -6.85
H3 ACT N . -13.28 15.57 -5.93
C ACT O . -13.81 -18.76 -17.34
O ACT O . -13.48 -19.75 -16.67
OXT ACT O . -13.08 -18.51 -18.35
CH3 ACT O . -14.97 -17.87 -16.96
H1 ACT O . -15.05 -17.04 -17.68
H2 ACT O . -14.81 -17.47 -15.96
H3 ACT O . -15.89 -18.45 -16.97
S SO4 P . -12.25 -33.30 0.82
O1 SO4 P . -12.82 -34.46 0.12
O2 SO4 P . -13.26 -32.71 1.69
O3 SO4 P . -11.13 -33.70 1.68
O4 SO4 P . -11.76 -32.34 -0.16
N1 1PS Q . 1.03 -24.96 -15.22
C1 1PS Q . 0.15 -24.07 -15.70
C2 1PS Q . 0.56 -22.79 -16.05
C3 1PS Q . 2.33 -24.63 -15.08
C4 1PS Q . 2.77 -23.37 -15.41
C5 1PS Q . 1.88 -22.43 -15.92
C6 1PS Q . 0.59 -26.30 -14.86
C7 1PS Q . -0.21 -26.88 -16.01
C8 1PS Q . -0.28 -28.39 -15.93
S1 1PS Q . -1.79 -28.88 -15.42
O1 1PS Q . -1.60 -30.30 -15.03
O2 1PS Q . -2.23 -28.13 -14.22
O3 1PS Q . -2.73 -28.67 -16.53
H1 1PS Q . -0.88 -24.35 -15.80
H2 1PS Q . -0.17 -22.08 -16.43
H3 1PS Q . 3.03 -25.36 -14.69
H4 1PS Q . 3.82 -23.11 -15.30
H5 1PS Q . 2.21 -21.44 -16.18
H61 1PS Q . 1.45 -26.94 -14.65
H62 1PS Q . -0.03 -26.26 -13.95
H71 1PS Q . 0.24 -26.59 -16.95
H72 1PS Q . -1.22 -26.47 -15.98
H81 1PS Q . -0.08 -28.81 -16.91
H82 1PS Q . 0.48 -28.75 -15.24
N1 1PS R . -8.60 3.04 22.71
C1 1PS R . -9.34 3.80 21.91
C2 1PS R . -8.77 4.53 20.87
C3 1PS R . -7.27 2.92 22.53
C4 1PS R . -6.65 3.63 21.52
C5 1PS R . -7.42 4.44 20.69
C6 1PS R . -9.26 2.28 23.78
C7 1PS R . -10.03 3.19 24.74
C8 1PS R . -10.59 2.38 25.91
S1 1PS R . -10.94 3.41 27.18
O1 1PS R . -9.67 4.01 27.66
O2 1PS R . -11.56 2.69 28.31
O3 1PS R . -11.84 4.50 26.71
H1 1PS R . -10.41 3.87 22.07
H2 1PS R . -9.38 5.16 20.25
H3 1PS R . -6.69 2.29 23.19
H4 1PS R . -5.58 3.56 21.36
H5 1PS R . -6.94 4.99 19.89
H61 1PS R . -9.97 1.56 23.34
H62 1PS R . -8.52 1.70 24.34
H71 1PS R . -9.35 3.96 25.12
H72 1PS R . -10.84 3.68 24.21
H81 1PS R . -11.50 1.86 25.60
H82 1PS R . -9.86 1.63 26.23
C ACT S . -3.60 -1.39 16.99
O ACT S . -3.53 -1.09 18.22
OXT ACT S . -4.09 -2.52 16.73
CH3 ACT S . -3.13 -0.47 15.91
H1 ACT S . -3.29 -0.93 14.94
H2 ACT S . -2.06 -0.26 16.05
H3 ACT S . -3.68 0.47 15.97
N1 1PS T . 2.96 -7.45 14.57
C1 1PS T . 3.71 -7.90 13.55
C2 1PS T . 3.76 -7.24 12.32
C3 1PS T . 2.20 -6.36 14.40
C4 1PS T . 2.21 -5.66 13.21
C5 1PS T . 2.99 -6.09 12.14
C6 1PS T . 2.95 -8.22 15.84
C7 1PS T . 2.71 -7.40 17.12
C8 1PS T . 3.83 -6.42 17.49
S1 1PS T . 3.18 -5.17 18.40
O1 1PS T . 4.21 -4.17 18.75
O2 1PS T . 2.59 -5.69 19.65
O3 1PS T . 2.14 -4.53 17.58
H1 1PS T . 4.31 -8.80 13.70
H2 1PS T . 4.38 -7.62 11.52
H3 1PS T . 1.58 -6.01 15.22
H4 1PS T . 1.61 -4.78 13.10
H5 1PS T . 3.01 -5.56 11.21
H61 1PS T . 2.17 -8.99 15.77
H62 1PS T . 3.90 -8.74 15.94
H71 1PS T . 1.77 -6.85 17.01
H72 1PS T . 2.58 -8.11 17.95
H81 1PS T . 4.60 -6.93 18.06
H82 1PS T . 4.27 -6.02 16.58
N AG2 U . -12.36 -22.63 -20.67
CA AG2 U . -11.51 -22.52 -19.52
CB AG2 U . -11.15 -23.90 -18.97
CG AG2 U . -9.65 -24.00 -18.87
CD AG2 U . -9.11 -25.33 -18.40
NE AG2 U . -7.68 -25.27 -18.48
CZ AG2 U . -6.86 -26.39 -18.14
NH1 AG2 U . -5.55 -26.32 -18.22
NH2 AG2 U . -7.45 -27.61 -17.71
HN1 AG2 U . -13.14 -22.19 -20.50
HN2 AG2 U . -11.95 -22.25 -21.39
HA1 AG2 U . -11.98 -22.02 -18.83
HA2 AG2 U . -10.69 -22.05 -19.75
HB1 AG2 U . -11.49 -24.59 -19.58
HB2 AG2 U . -11.55 -24.01 -18.09
HG1 AG2 U . -9.33 -23.32 -18.25
HG2 AG2 U . -9.27 -23.82 -19.75
HD1 AG2 U . -9.38 -25.50 -17.48
HD2 AG2 U . -9.45 -26.05 -18.98
HE1 AG2 U . -7.29 -24.50 -18.76
HH11 AG2 U . -5.15 -25.54 -18.50
HH21 AG2 U . -8.35 -27.68 -17.65
HH22 AG2 U . -6.91 -28.31 -17.49
N AG2 V . -40.74 1.64 16.86
CA AG2 V . -41.26 1.08 18.06
CB AG2 V . -40.65 -0.29 18.27
CG AG2 V . -40.84 -0.72 19.70
CD AG2 V . -39.91 0.08 20.57
NE AG2 V . -39.35 -0.71 21.59
CZ AG2 V . -38.42 -0.12 22.49
NH1 AG2 V . -38.08 1.13 22.30
NH2 AG2 V . -37.88 -0.90 23.56
HN1 AG2 V . -41.42 1.82 16.28
HN2 AG2 V . -40.30 2.42 17.06
HA1 AG2 V . -41.02 1.65 18.82
HA2 AG2 V . -42.23 1.01 18.00
HB1 AG2 V . -41.10 -0.93 17.68
HB2 AG2 V . -39.70 -0.27 18.07
HG1 AG2 V . -41.76 -0.55 19.98
HG2 AG2 V . -40.64 -1.67 19.79
HD1 AG2 V . -39.17 0.42 20.01
HD2 AG2 V . -40.38 0.83 20.96
HE1 AG2 V . -39.61 -1.58 21.72
HH11 AG2 V . -37.48 1.52 22.87
HH21 AG2 V . -37.28 -0.53 24.13
HH22 AG2 V . -38.12 -1.77 23.66
C ACT W . -24.25 -20.24 0.97
O ACT W . -25.14 -19.81 1.73
OXT ACT W . -23.10 -20.39 1.44
CH3 ACT W . -24.55 -20.56 -0.46
H1 ACT W . -25.59 -20.35 -0.67
H2 ACT W . -24.34 -21.61 -0.65
H3 ACT W . -23.92 -19.94 -1.10
#